data_9V7V
#
_entry.id   9V7V
#
_cell.length_a   1.00
_cell.length_b   1.00
_cell.length_c   1.00
_cell.angle_alpha   90.00
_cell.angle_beta   90.00
_cell.angle_gamma   90.00
#
_symmetry.space_group_name_H-M   'P 1'
#
loop_
_entity.id
_entity.type
_entity.pdbx_description
1 polymer 'Cell division protein FtsZ'
2 non-polymer 'PHOSPHOMETHYLPHOSPHONIC ACID GUANYLATE ESTER'
#
_entity_poly.entity_id   1
_entity_poly.type   'polypeptide(L)'
_entity_poly.pdbx_seq_one_letter_code
;MIYMRTLIKSALSKARVEDYTKEDSEIEDTLRDAKAKITVIGVGGAGNNTITRLKMEGVEGATTVAVNTDAQGLLHTISD
QKILLGKQLTKGLGAGNDPKIGEAAAKEAIEELREVVKSDMIFITCGLGGGTGTGAAPVIAELAKEEKALTVSIVTLPFK
AEGVKREANARWGLEQLLKVCDSVIVIPNDRILEIAPELSLNEAFRLADEILIGGVKGITELIFKPGLINLDFADVKKVM
NNKGTAIIGMAESASNNSAVEAVELAISNPLLDVDVSKASAALINLCGGPNLTIKHAEEAIRCVAKKIREDAEIIWGVII
DQDMGKLTRATVILSGLQPRQLDENQIDKKVINKSAKLALDEL
;
_entity_poly.pdbx_strand_id   A,B,C,D
#
# COMPACT_ATOMS: atom_id res chain seq x y z
N LYS A 37 -48.53 35.17 8.14
CA LYS A 37 -48.61 36.38 8.95
C LYS A 37 -49.21 36.09 10.33
N ILE A 38 -49.24 37.12 11.17
CA ILE A 38 -49.80 37.02 12.52
C ILE A 38 -50.93 38.04 12.64
N THR A 39 -52.14 37.55 12.90
CA THR A 39 -53.29 38.41 13.10
C THR A 39 -53.92 38.08 14.44
N VAL A 40 -54.09 39.08 15.29
CA VAL A 40 -54.74 38.92 16.58
C VAL A 40 -56.02 39.74 16.57
N ILE A 41 -57.14 39.07 16.85
CA ILE A 41 -58.46 39.71 16.81
C ILE A 41 -59.10 39.57 18.17
N GLY A 42 -59.96 40.53 18.49
CA GLY A 42 -60.67 40.56 19.75
C GLY A 42 -62.17 40.61 19.58
N VAL A 43 -62.87 39.64 20.16
CA VAL A 43 -64.32 39.52 20.05
C VAL A 43 -64.92 39.79 21.42
N GLY A 44 -65.85 40.74 21.48
CA GLY A 44 -66.48 41.12 22.73
C GLY A 44 -65.76 42.26 23.41
N GLY A 45 -66.42 42.80 24.43
CA GLY A 45 -65.84 43.91 25.18
C GLY A 45 -64.54 43.53 25.86
N ALA A 46 -64.45 42.31 26.39
CA ALA A 46 -63.23 41.85 27.02
C ALA A 46 -62.09 41.77 26.01
N GLY A 47 -62.36 41.23 24.82
CA GLY A 47 -61.34 41.15 23.80
C GLY A 47 -60.82 42.50 23.35
N ASN A 48 -61.68 43.51 23.33
CA ASN A 48 -61.27 44.84 22.92
C ASN A 48 -60.24 45.42 23.89
N ASN A 49 -60.40 45.15 25.18
CA ASN A 49 -59.41 45.63 26.15
C ASN A 49 -58.05 44.99 25.92
N THR A 50 -58.03 43.69 25.66
CA THR A 50 -56.77 43.01 25.37
C THR A 50 -56.13 43.56 24.11
N ILE A 51 -56.94 43.79 23.06
CA ILE A 51 -56.42 44.37 21.83
C ILE A 51 -55.86 45.75 22.08
N THR A 52 -56.56 46.56 22.88
CA THR A 52 -56.11 47.91 23.20
C THR A 52 -54.75 47.87 23.91
N ARG A 53 -54.62 47.04 24.93
CA ARG A 53 -53.36 46.97 25.67
C ARG A 53 -52.23 46.44 24.79
N LEU A 54 -52.51 45.41 23.98
CA LEU A 54 -51.49 44.84 23.10
C LEU A 54 -51.02 45.86 22.07
N LYS A 55 -51.95 46.64 21.52
CA LYS A 55 -51.56 47.67 20.55
C LYS A 55 -50.82 48.81 21.23
N MET A 56 -51.22 49.17 22.45
CA MET A 56 -50.54 50.22 23.18
C MET A 56 -49.08 49.84 23.48
N GLU A 57 -48.85 48.60 23.89
CA GLU A 57 -47.48 48.17 24.13
C GLU A 57 -46.72 47.97 22.83
N GLY A 58 -47.41 47.55 21.76
CA GLY A 58 -46.79 47.42 20.47
C GLY A 58 -46.10 46.10 20.24
N VAL A 59 -46.42 45.43 19.12
CA VAL A 59 -45.80 44.17 18.74
C VAL A 59 -45.35 44.28 17.29
N GLU A 60 -44.41 43.42 16.91
CA GLU A 60 -43.86 43.40 15.57
C GLU A 60 -44.35 42.18 14.82
N GLY A 61 -44.83 42.38 13.59
CA GLY A 61 -45.31 41.29 12.76
C GLY A 61 -46.73 40.85 13.02
N ALA A 62 -47.46 41.52 13.90
CA ALA A 62 -48.83 41.16 14.23
C ALA A 62 -49.77 42.33 13.91
N THR A 63 -50.96 42.00 13.42
CA THR A 63 -51.96 42.98 13.05
C THR A 63 -53.16 42.85 13.99
N THR A 64 -53.62 43.97 14.52
CA THR A 64 -54.69 44.00 15.52
C THR A 64 -56.03 44.26 14.85
N VAL A 65 -57.03 43.44 15.16
CA VAL A 65 -58.37 43.55 14.62
C VAL A 65 -59.36 43.41 15.77
N ALA A 66 -60.44 44.22 15.72
CA ALA A 66 -61.48 44.17 16.75
C ALA A 66 -62.83 43.98 16.10
N VAL A 67 -63.63 43.07 16.65
CA VAL A 67 -64.99 42.82 16.18
C VAL A 67 -65.92 42.85 17.39
N ASN A 68 -66.92 43.74 17.34
CA ASN A 68 -67.86 43.88 18.44
C ASN A 68 -69.12 44.56 17.92
N THR A 69 -70.29 44.07 18.38
CA THR A 69 -71.55 44.63 17.92
C THR A 69 -71.71 46.08 18.35
N ASP A 70 -71.36 46.39 19.60
CA ASP A 70 -71.60 47.72 20.15
C ASP A 70 -70.60 48.72 19.57
N ALA A 71 -71.11 49.68 18.80
CA ALA A 71 -70.24 50.70 18.21
C ALA A 71 -69.66 51.64 19.26
N GLN A 72 -70.26 51.70 20.45
CA GLN A 72 -69.71 52.55 21.51
C GLN A 72 -68.33 52.05 21.94
N GLY A 73 -68.17 50.74 22.10
CA GLY A 73 -66.87 50.20 22.47
C GLY A 73 -65.83 50.39 21.40
N LEU A 74 -66.21 50.18 20.13
CA LEU A 74 -65.25 50.29 19.04
C LEU A 74 -64.73 51.72 18.89
N LEU A 75 -65.52 52.72 19.28
CA LEU A 75 -65.09 54.11 19.17
C LEU A 75 -63.89 54.37 20.07
N HIS A 76 -63.91 53.84 21.30
CA HIS A 76 -62.86 54.13 22.26
C HIS A 76 -61.68 53.19 22.15
N THR A 77 -61.87 51.98 21.65
CA THR A 77 -60.76 51.06 21.46
C THR A 77 -59.85 51.55 20.35
N ILE A 78 -58.60 51.13 20.39
CA ILE A 78 -57.58 51.53 19.42
C ILE A 78 -57.03 50.27 18.77
N SER A 79 -57.09 50.22 17.44
CA SER A 79 -56.56 49.11 16.65
C SER A 79 -56.51 49.58 15.20
N ASP A 80 -56.17 48.66 14.29
CA ASP A 80 -56.07 49.01 12.88
C ASP A 80 -57.38 48.74 12.14
N GLN A 81 -57.84 47.50 12.16
CA GLN A 81 -59.10 47.11 11.53
C GLN A 81 -60.16 46.95 12.60
N LYS A 82 -61.22 47.75 12.53
CA LYS A 82 -62.35 47.66 13.45
C LYS A 82 -63.57 47.25 12.63
N ILE A 83 -63.77 45.94 12.48
CA ILE A 83 -64.85 45.39 11.66
C ILE A 83 -66.11 45.35 12.53
N LEU A 84 -67.02 46.28 12.29
CA LEU A 84 -68.27 46.29 13.03
C LEU A 84 -69.13 45.08 12.68
N LEU A 85 -69.79 44.53 13.69
CA LEU A 85 -70.64 43.36 13.53
C LEU A 85 -72.00 43.75 12.97
N GLY A 86 -72.99 42.86 13.12
CA GLY A 86 -74.25 42.95 12.41
C GLY A 86 -75.18 44.08 12.83
N LYS A 87 -74.84 45.30 12.42
CA LYS A 87 -75.66 46.47 12.71
C LYS A 87 -77.10 46.30 12.25
N GLN A 88 -77.33 45.51 11.19
CA GLN A 88 -78.68 45.30 10.69
C GLN A 88 -79.57 44.60 11.70
N LEU A 89 -78.99 43.98 12.73
CA LEU A 89 -79.74 43.32 13.78
C LEU A 89 -79.54 43.94 15.17
N THR A 90 -78.36 44.49 15.44
CA THR A 90 -78.05 45.06 16.75
C THR A 90 -78.07 46.58 16.78
N LYS A 91 -77.63 47.23 15.70
CA LYS A 91 -77.56 48.68 15.52
C LYS A 91 -76.43 49.30 16.35
N GLY A 92 -75.75 48.52 17.18
CA GLY A 92 -74.67 49.04 17.98
C GLY A 92 -75.02 49.39 19.41
N LEU A 93 -75.94 48.66 20.04
CA LEU A 93 -76.36 48.93 21.42
C LEU A 93 -76.13 47.72 22.31
N GLY A 94 -75.08 46.95 22.05
CA GLY A 94 -74.76 45.79 22.85
C GLY A 94 -75.63 44.59 22.51
N ALA A 95 -75.26 43.46 23.10
CA ALA A 95 -75.96 42.20 22.87
C ALA A 95 -76.73 41.70 24.08
N GLY A 96 -76.19 41.87 25.29
CA GLY A 96 -76.83 41.33 26.47
C GLY A 96 -76.40 39.89 26.73
N ASN A 97 -76.96 39.33 27.80
CA ASN A 97 -76.62 37.96 28.22
C ASN A 97 -77.44 36.95 27.42
N ASP A 98 -77.09 36.83 26.15
CA ASP A 98 -77.72 35.86 25.26
C ASP A 98 -76.79 35.49 24.12
N PRO A 99 -76.08 34.36 24.22
CA PRO A 99 -75.18 33.97 23.12
C PRO A 99 -75.87 33.74 21.80
N LYS A 100 -77.17 33.38 21.81
CA LYS A 100 -77.89 33.22 20.57
C LYS A 100 -78.00 34.53 19.80
N ILE A 101 -78.25 35.63 20.51
CA ILE A 101 -78.29 36.94 19.86
C ILE A 101 -76.92 37.30 19.30
N GLY A 102 -75.85 36.93 20.01
CA GLY A 102 -74.51 37.17 19.49
C GLY A 102 -74.25 36.39 18.20
N GLU A 103 -74.65 35.12 18.18
CA GLU A 103 -74.49 34.33 16.96
C GLU A 103 -75.34 34.90 15.82
N ALA A 104 -76.56 35.34 16.12
CA ALA A 104 -77.42 35.91 15.09
C ALA A 104 -76.85 37.20 14.53
N ALA A 105 -76.27 38.05 15.40
CA ALA A 105 -75.58 39.24 14.93
C ALA A 105 -74.39 38.85 14.08
N ALA A 106 -73.68 37.79 14.46
CA ALA A 106 -72.64 37.22 13.62
C ALA A 106 -73.30 36.44 12.48
N LYS A 107 -72.49 35.74 11.69
CA LYS A 107 -72.93 34.96 10.53
C LYS A 107 -73.87 35.76 9.62
N GLU A 108 -73.71 37.08 9.63
CA GLU A 108 -74.40 38.00 8.72
C GLU A 108 -73.43 38.90 7.99
N ALA A 109 -72.34 39.33 8.64
CA ALA A 109 -71.25 40.05 7.99
C ALA A 109 -70.10 39.14 7.61
N ILE A 110 -70.40 37.88 7.28
CA ILE A 110 -69.35 36.90 6.98
C ILE A 110 -68.59 37.31 5.73
N GLU A 111 -69.28 37.92 4.75
CA GLU A 111 -68.61 38.33 3.52
C GLU A 111 -67.49 39.33 3.81
N GLU A 112 -67.74 40.27 4.71
CA GLU A 112 -66.68 41.21 5.11
C GLU A 112 -65.68 40.57 6.06
N LEU A 113 -66.14 39.66 6.93
CA LEU A 113 -65.30 39.09 7.96
C LEU A 113 -64.29 38.08 7.41
N ARG A 114 -64.61 37.44 6.28
CA ARG A 114 -63.74 36.40 5.73
C ARG A 114 -62.38 36.96 5.33
N GLU A 115 -62.32 38.23 4.95
CA GLU A 115 -61.08 38.79 4.43
C GLU A 115 -60.00 38.90 5.51
N VAL A 116 -60.40 38.96 6.78
CA VAL A 116 -59.43 39.22 7.84
C VAL A 116 -58.77 37.92 8.33
N VAL A 117 -59.42 36.78 8.16
CA VAL A 117 -58.89 35.51 8.66
C VAL A 117 -58.05 34.84 7.59
N LYS A 118 -57.77 35.55 6.50
CA LYS A 118 -56.93 35.03 5.42
C LYS A 118 -55.46 35.31 5.73
N SER A 119 -54.94 34.54 6.69
CA SER A 119 -53.55 34.65 7.11
C SER A 119 -53.08 33.27 7.55
N ASP A 120 -51.90 33.23 8.19
CA ASP A 120 -51.33 31.97 8.64
C ASP A 120 -51.67 31.68 10.10
N MET A 121 -51.33 32.59 11.00
CA MET A 121 -51.52 32.42 12.44
C MET A 121 -52.52 33.45 12.94
N ILE A 122 -53.54 33.00 13.67
CA ILE A 122 -54.58 33.87 14.19
C ILE A 122 -54.71 33.65 15.69
N PHE A 123 -55.02 34.72 16.41
CA PHE A 123 -55.21 34.70 17.87
C PHE A 123 -56.58 35.32 18.15
N ILE A 124 -57.57 34.48 18.42
CA ILE A 124 -58.92 34.95 18.75
C ILE A 124 -59.00 35.13 20.26
N THR A 125 -59.19 36.37 20.71
CA THR A 125 -59.26 36.69 22.13
C THR A 125 -60.67 37.09 22.48
N CYS A 126 -61.27 36.38 23.44
CA CYS A 126 -62.66 36.64 23.79
C CYS A 126 -62.91 36.28 25.25
N GLY A 127 -63.57 37.20 25.96
CA GLY A 127 -64.04 36.92 27.31
C GLY A 127 -65.37 36.20 27.31
N LEU A 128 -65.37 34.94 27.73
CA LEU A 128 -66.57 34.12 27.67
C LEU A 128 -67.58 34.58 28.72
N GLY A 129 -68.78 34.00 28.66
CA GLY A 129 -69.84 34.30 29.60
C GLY A 129 -70.60 35.59 29.33
N GLY A 130 -70.27 36.31 28.26
CA GLY A 130 -70.93 37.56 27.97
C GLY A 130 -71.92 37.48 26.83
N GLY A 131 -71.85 38.47 25.93
CA GLY A 131 -72.72 38.52 24.78
C GLY A 131 -72.03 38.07 23.51
N THR A 132 -71.60 39.04 22.70
CA THR A 132 -70.94 38.73 21.43
C THR A 132 -69.67 37.90 21.61
N GLY A 133 -69.05 37.95 22.78
CA GLY A 133 -67.84 37.19 23.00
C GLY A 133 -68.07 35.68 22.93
N THR A 134 -69.19 35.22 23.49
CA THR A 134 -69.50 33.79 23.48
C THR A 134 -70.13 33.33 22.18
N GLY A 135 -70.64 34.24 21.36
CA GLY A 135 -71.35 33.85 20.15
C GLY A 135 -70.57 34.03 18.87
N ALA A 136 -69.85 35.15 18.75
CA ALA A 136 -69.09 35.41 17.54
C ALA A 136 -67.80 34.61 17.48
N ALA A 137 -67.22 34.27 18.63
CA ALA A 137 -65.98 33.50 18.65
C ALA A 137 -66.12 32.14 17.96
N PRO A 138 -67.16 31.33 18.21
CA PRO A 138 -67.26 30.05 17.49
C PRO A 138 -67.33 30.19 15.98
N VAL A 139 -68.17 31.10 15.48
CA VAL A 139 -68.32 31.24 14.04
C VAL A 139 -67.05 31.80 13.41
N ILE A 140 -66.36 32.71 14.11
CA ILE A 140 -65.11 33.24 13.58
C ILE A 140 -64.03 32.16 13.58
N ALA A 141 -64.01 31.31 14.60
CA ALA A 141 -63.05 30.21 14.62
C ALA A 141 -63.31 29.24 13.47
N GLU A 142 -64.58 28.92 13.21
CA GLU A 142 -64.90 28.05 12.09
C GLU A 142 -64.51 28.71 10.77
N LEU A 143 -64.78 30.01 10.64
CA LEU A 143 -64.42 30.74 9.41
C LEU A 143 -62.92 30.71 9.18
N ALA A 144 -62.13 30.92 10.24
CA ALA A 144 -60.68 30.88 10.10
C ALA A 144 -60.19 29.48 9.78
N LYS A 145 -60.85 28.46 10.34
CA LYS A 145 -60.50 27.08 9.99
C LYS A 145 -60.75 26.81 8.52
N GLU A 146 -61.85 27.31 7.97
CA GLU A 146 -62.15 27.09 6.57
C GLU A 146 -61.16 27.78 5.65
N GLU A 147 -60.35 28.71 6.17
CA GLU A 147 -59.29 29.36 5.42
C GLU A 147 -57.95 28.67 5.55
N LYS A 148 -57.91 27.51 6.23
CA LYS A 148 -56.69 26.71 6.39
C LYS A 148 -55.59 27.52 7.09
N ALA A 149 -55.89 27.93 8.33
CA ALA A 149 -54.96 28.73 9.13
C ALA A 149 -54.88 28.16 10.54
N LEU A 150 -53.72 28.37 11.16
CA LEU A 150 -53.51 27.94 12.54
C LEU A 150 -54.17 28.92 13.50
N THR A 151 -54.87 28.38 14.49
CA THR A 151 -55.70 29.17 15.40
C THR A 151 -55.25 28.98 16.84
N VAL A 152 -55.24 30.07 17.59
CA VAL A 152 -55.01 30.04 19.04
C VAL A 152 -56.07 30.91 19.69
N SER A 153 -56.80 30.33 20.64
CA SER A 153 -57.90 31.02 21.33
C SER A 153 -57.48 31.38 22.74
N ILE A 154 -57.68 32.64 23.11
CA ILE A 154 -57.42 33.14 24.45
C ILE A 154 -58.75 33.54 25.06
N VAL A 155 -59.18 32.78 26.06
CA VAL A 155 -60.45 33.02 26.72
C VAL A 155 -60.20 33.32 28.19
N THR A 156 -61.17 33.99 28.81
CA THR A 156 -61.09 34.35 30.23
C THR A 156 -62.42 34.01 30.88
N LEU A 157 -62.40 33.07 31.83
CA LEU A 157 -63.60 32.73 32.56
C LEU A 157 -64.02 33.91 33.44
N PRO A 158 -65.32 34.08 33.67
CA PRO A 158 -65.79 35.19 34.50
C PRO A 158 -65.52 34.94 35.97
N PHE A 159 -65.64 36.01 36.74
CA PHE A 159 -65.54 35.90 38.19
C PHE A 159 -66.60 34.95 38.73
N LYS A 160 -66.21 34.15 39.73
CA LYS A 160 -67.15 33.20 40.32
C LYS A 160 -68.35 33.91 40.92
N ALA A 161 -68.14 35.12 41.46
CA ALA A 161 -69.24 35.89 42.05
C ALA A 161 -70.19 36.46 41.00
N GLU A 162 -69.83 36.43 39.72
CA GLU A 162 -70.72 36.97 38.69
C GLU A 162 -72.06 36.25 38.65
N GLY A 163 -72.06 34.95 38.96
CA GLY A 163 -73.31 34.21 39.01
C GLY A 163 -73.32 32.92 38.22
N VAL A 164 -74.23 32.02 38.59
CA VAL A 164 -74.37 30.76 37.88
C VAL A 164 -74.79 31.01 36.43
N LYS A 165 -75.66 32.01 36.22
CA LYS A 165 -76.05 32.37 34.86
C LYS A 165 -74.84 32.85 34.05
N ARG A 166 -73.97 33.62 34.68
CA ARG A 166 -72.81 34.16 33.96
C ARG A 166 -71.75 33.09 33.72
N GLU A 167 -71.69 32.06 34.57
CA GLU A 167 -70.67 31.03 34.40
C GLU A 167 -71.12 29.88 33.51
N ALA A 168 -72.42 29.57 33.48
CA ALA A 168 -72.90 28.51 32.61
C ALA A 168 -72.71 28.86 31.14
N ASN A 169 -72.96 30.12 30.79
CA ASN A 169 -72.74 30.57 29.42
C ASN A 169 -71.27 30.43 29.03
N ALA A 170 -70.37 30.82 29.94
CA ALA A 170 -68.94 30.69 29.67
C ALA A 170 -68.53 29.23 29.52
N ARG A 171 -69.07 28.35 30.36
CA ARG A 171 -68.76 26.93 30.23
C ARG A 171 -69.26 26.38 28.90
N TRP A 172 -70.47 26.77 28.49
CA TRP A 172 -70.99 26.33 27.21
C TRP A 172 -70.14 26.82 26.05
N GLY A 173 -69.68 28.08 26.12
CA GLY A 173 -68.82 28.61 25.08
C GLY A 173 -67.47 27.91 25.04
N LEU A 174 -66.91 27.60 26.21
CA LEU A 174 -65.61 26.95 26.26
C LEU A 174 -65.67 25.52 25.74
N GLU A 175 -66.71 24.77 26.14
CA GLU A 175 -66.80 23.38 25.71
C GLU A 175 -66.95 23.25 24.20
N GLN A 176 -67.74 24.13 23.59
CA GLN A 176 -67.93 24.05 22.15
C GLN A 176 -66.81 24.73 21.37
N LEU A 177 -66.00 25.57 22.02
CA LEU A 177 -64.92 26.25 21.29
C LEU A 177 -63.76 25.31 21.01
N LEU A 178 -63.43 24.42 21.95
CA LEU A 178 -62.31 23.50 21.75
C LEU A 178 -62.56 22.51 20.62
N LYS A 179 -63.81 22.28 20.25
CA LYS A 179 -64.09 21.39 19.13
C LYS A 179 -63.74 22.04 17.78
N VAL A 180 -63.61 23.35 17.74
CA VAL A 180 -63.27 24.05 16.50
C VAL A 180 -61.79 24.41 16.50
N CYS A 181 -61.38 25.24 17.46
CA CYS A 181 -59.98 25.60 17.56
C CYS A 181 -59.17 24.43 18.10
N ASP A 182 -57.91 24.36 17.65
CA ASP A 182 -57.02 23.27 18.05
C ASP A 182 -56.17 23.61 19.26
N SER A 183 -56.26 24.83 19.79
CA SER A 183 -55.53 25.21 20.98
C SER A 183 -56.35 26.23 21.75
N VAL A 184 -56.65 25.91 23.02
CA VAL A 184 -57.43 26.78 23.89
C VAL A 184 -56.61 27.08 25.13
N ILE A 185 -56.49 28.36 25.47
CA ILE A 185 -55.81 28.80 26.68
C ILE A 185 -56.83 29.51 27.55
N VAL A 186 -56.98 29.04 28.79
CA VAL A 186 -58.02 29.52 29.70
C VAL A 186 -57.36 30.24 30.86
N ILE A 187 -57.79 31.47 31.11
CA ILE A 187 -57.30 32.28 32.23
C ILE A 187 -58.48 32.61 33.12
N PRO A 188 -58.66 31.86 34.22
CA PRO A 188 -59.73 32.20 35.16
C PRO A 188 -59.50 33.56 35.79
N ASN A 189 -60.52 34.43 35.72
CA ASN A 189 -60.38 35.79 36.21
C ASN A 189 -60.18 35.81 37.73
N ASP A 190 -60.89 34.93 38.45
CA ASP A 190 -60.76 34.91 39.91
C ASP A 190 -59.34 34.60 40.35
N ARG A 191 -58.58 33.89 39.52
CA ARG A 191 -57.17 33.63 39.82
C ARG A 191 -56.40 34.93 40.00
N ILE A 192 -56.77 35.98 39.27
CA ILE A 192 -56.12 37.28 39.44
C ILE A 192 -56.29 37.78 40.87
N LEU A 193 -57.47 37.54 41.46
CA LEU A 193 -57.70 37.96 42.85
C LEU A 193 -56.94 37.11 43.85
N GLU A 194 -56.35 35.99 43.42
CA GLU A 194 -55.56 35.15 44.31
C GLU A 194 -54.05 35.34 44.14
N ILE A 195 -53.61 35.99 43.07
CA ILE A 195 -52.20 36.19 42.78
C ILE A 195 -51.80 37.65 42.95
N ALA A 196 -52.60 38.57 42.42
CA ALA A 196 -52.32 40.01 42.46
C ALA A 196 -53.54 40.76 42.94
N PRO A 197 -53.86 40.66 44.24
CA PRO A 197 -55.12 41.21 44.74
C PRO A 197 -55.10 42.70 45.10
N GLU A 198 -53.96 43.40 44.99
CA GLU A 198 -53.90 44.82 45.32
C GLU A 198 -53.25 45.58 44.16
N LEU A 199 -54.08 45.94 43.17
CA LEU A 199 -53.64 46.79 42.06
C LEU A 199 -54.83 47.62 41.61
N SER A 200 -54.55 48.59 40.74
CA SER A 200 -55.59 49.54 40.33
C SER A 200 -56.44 49.01 39.20
N LEU A 201 -56.99 47.81 39.37
CA LEU A 201 -57.95 47.18 38.45
C LEU A 201 -57.36 46.86 37.08
N ASN A 202 -57.02 47.90 36.30
CA ASN A 202 -56.49 47.69 34.96
C ASN A 202 -55.24 46.81 34.99
N GLU A 203 -54.29 47.14 35.86
CA GLU A 203 -53.09 46.33 35.99
C GLU A 203 -53.39 44.94 36.52
N ALA A 204 -54.53 44.76 37.20
CA ALA A 204 -54.97 43.41 37.54
C ALA A 204 -55.28 42.60 36.30
N PHE A 205 -55.91 43.23 35.31
CA PHE A 205 -56.16 42.59 34.02
C PHE A 205 -54.92 42.56 33.14
N ARG A 206 -53.88 43.33 33.49
CA ARG A 206 -52.64 43.29 32.72
C ARG A 206 -51.96 41.93 32.80
N LEU A 207 -52.10 41.24 33.94
CA LEU A 207 -51.53 39.90 34.07
C LEU A 207 -52.17 38.93 33.10
N ALA A 208 -53.49 39.06 32.88
CA ALA A 208 -54.14 38.22 31.88
C ALA A 208 -53.60 38.49 30.48
N ASP A 209 -53.36 39.76 30.17
CA ASP A 209 -52.76 40.12 28.88
C ASP A 209 -51.31 39.66 28.77
N GLU A 210 -50.63 39.43 29.89
CA GLU A 210 -49.21 39.08 29.86
C GLU A 210 -48.97 37.80 29.08
N ILE A 211 -49.84 36.80 29.25
CA ILE A 211 -49.66 35.54 28.55
C ILE A 211 -49.76 35.74 27.04
N LEU A 212 -50.75 36.51 26.60
CA LEU A 212 -50.95 36.70 25.17
C LEU A 212 -49.80 37.49 24.54
N ILE A 213 -49.39 38.59 25.18
CA ILE A 213 -48.30 39.40 24.63
C ILE A 213 -47.00 38.61 24.63
N GLY A 214 -46.74 37.84 25.69
CA GLY A 214 -45.55 37.02 25.72
C GLY A 214 -45.54 35.97 24.63
N GLY A 215 -46.67 35.29 24.44
CA GLY A 215 -46.75 34.28 23.39
C GLY A 215 -46.58 34.87 22.00
N VAL A 216 -47.19 36.03 21.77
CA VAL A 216 -47.09 36.67 20.45
C VAL A 216 -45.65 37.13 20.19
N LYS A 217 -45.03 37.77 21.19
CA LYS A 217 -43.66 38.25 20.99
C LYS A 217 -42.64 37.12 21.00
N GLY A 218 -43.01 35.93 21.46
CA GLY A 218 -42.14 34.78 21.37
C GLY A 218 -42.27 34.06 20.03
N ILE A 219 -43.51 33.94 19.55
CA ILE A 219 -43.74 33.30 18.26
C ILE A 219 -43.17 34.14 17.12
N THR A 220 -43.31 35.46 17.22
CA THR A 220 -42.77 36.33 16.19
C THR A 220 -41.24 36.27 16.13
N GLU A 221 -40.59 35.73 17.16
CA GLU A 221 -39.16 35.46 17.11
C GLU A 221 -38.87 34.06 16.58
N LEU A 222 -39.75 33.10 16.85
CA LEU A 222 -39.60 31.75 16.33
C LEU A 222 -39.80 31.68 14.82
N ILE A 223 -40.39 32.72 14.22
CA ILE A 223 -40.60 32.78 12.77
C ILE A 223 -39.72 33.91 12.25
N PHE A 224 -38.54 34.07 12.84
CA PHE A 224 -37.66 35.19 12.56
C PHE A 224 -36.23 34.66 12.66
N LYS A 225 -35.27 35.58 12.86
CA LYS A 225 -33.83 35.36 12.73
C LYS A 225 -33.39 33.98 13.20
N PRO A 226 -32.78 33.18 12.32
CA PRO A 226 -32.45 31.79 12.66
C PRO A 226 -31.09 31.62 13.30
N GLY A 227 -30.72 30.36 13.55
CA GLY A 227 -29.43 30.04 14.11
C GLY A 227 -29.41 28.65 14.73
N LEU A 228 -28.32 27.91 14.51
CA LEU A 228 -28.11 26.58 15.09
C LEU A 228 -29.24 25.61 14.77
N ILE A 229 -30.19 25.45 15.69
CA ILE A 229 -31.25 24.47 15.57
C ILE A 229 -32.58 25.18 15.39
N ASN A 230 -32.55 26.32 14.71
CA ASN A 230 -33.72 27.18 14.60
C ASN A 230 -34.90 26.44 13.99
N LEU A 231 -36.08 26.69 14.54
CA LEU A 231 -37.33 26.14 14.05
C LEU A 231 -38.02 27.12 13.11
N ASP A 232 -39.06 26.64 12.43
CA ASP A 232 -39.83 27.48 11.53
C ASP A 232 -41.32 27.21 11.79
N PHE A 233 -42.17 27.78 10.92
CA PHE A 233 -43.62 27.70 11.15
C PHE A 233 -44.15 26.28 11.05
N ALA A 234 -43.45 25.41 10.31
CA ALA A 234 -43.92 24.03 10.18
C ALA A 234 -43.93 23.32 11.53
N ASP A 235 -42.89 23.54 12.33
CA ASP A 235 -42.84 22.94 13.67
C ASP A 235 -43.97 23.47 14.55
N VAL A 236 -44.27 24.77 14.43
CA VAL A 236 -45.38 25.35 15.19
C VAL A 236 -46.70 24.71 14.77
N LYS A 237 -46.90 24.53 13.47
CA LYS A 237 -48.13 23.90 12.99
C LYS A 237 -48.22 22.46 13.48
N LYS A 238 -47.07 21.76 13.55
CA LYS A 238 -47.08 20.39 14.04
C LYS A 238 -47.41 20.33 15.53
N VAL A 239 -46.88 21.27 16.31
CA VAL A 239 -47.05 21.22 17.76
C VAL A 239 -48.39 21.76 18.22
N MET A 240 -49.12 22.46 17.36
CA MET A 240 -50.38 23.10 17.73
C MET A 240 -51.52 22.62 16.85
N ASN A 241 -51.61 21.32 16.61
CA ASN A 241 -52.60 20.75 15.71
C ASN A 241 -53.42 19.69 16.45
N ASN A 242 -54.70 20.00 16.67
CA ASN A 242 -55.68 19.07 17.23
C ASN A 242 -55.19 18.45 18.54
N LYS A 243 -54.94 19.31 19.51
CA LYS A 243 -54.52 18.87 20.84
C LYS A 243 -55.51 19.25 21.93
N GLY A 244 -55.90 20.52 22.01
CA GLY A 244 -56.81 20.97 23.04
C GLY A 244 -56.23 22.09 23.89
N THR A 245 -56.31 21.95 25.21
CA THR A 245 -55.77 22.97 26.10
C THR A 245 -54.27 23.08 25.93
N ALA A 246 -53.75 24.30 26.04
CA ALA A 246 -52.35 24.57 25.79
C ALA A 246 -51.85 25.64 26.74
N ILE A 247 -50.54 25.62 26.97
CA ILE A 247 -49.86 26.59 27.84
C ILE A 247 -48.71 27.20 27.05
N ILE A 248 -48.68 28.53 26.98
CA ILE A 248 -47.60 29.25 26.30
C ILE A 248 -47.15 30.40 27.19
N GLY A 249 -45.96 30.90 26.90
CA GLY A 249 -45.38 32.02 27.63
C GLY A 249 -43.87 31.94 27.64
N MET A 250 -43.25 33.06 27.99
CA MET A 250 -41.79 33.15 28.08
C MET A 250 -41.39 33.83 29.38
N ALA A 251 -40.10 33.78 29.68
CA ALA A 251 -39.55 34.43 30.87
C ALA A 251 -38.09 34.76 30.61
N GLU A 252 -37.40 35.25 31.65
CA GLU A 252 -36.00 35.62 31.56
C GLU A 252 -35.29 35.24 32.84
N SER A 253 -33.98 35.07 32.74
CA SER A 253 -33.14 34.74 33.89
C SER A 253 -31.70 35.12 33.59
N ALA A 254 -30.99 35.57 34.62
CA ALA A 254 -29.61 36.01 34.47
C ALA A 254 -28.75 35.48 35.61
N SER A 255 -29.10 34.31 36.14
CA SER A 255 -28.34 33.67 37.20
C SER A 255 -27.29 32.74 36.59
N ASN A 256 -26.66 31.93 37.42
CA ASN A 256 -25.69 30.96 36.91
C ASN A 256 -26.37 29.94 36.00
N ASN A 257 -27.53 29.44 36.40
CA ASN A 257 -28.33 28.55 35.55
C ASN A 257 -29.42 29.35 34.85
N SER A 258 -28.98 30.13 33.86
CA SER A 258 -29.88 31.05 33.17
C SER A 258 -30.99 30.31 32.43
N ALA A 259 -30.61 29.34 31.60
CA ALA A 259 -31.60 28.64 30.77
C ALA A 259 -32.58 27.86 31.63
N VAL A 260 -32.09 27.13 32.62
CA VAL A 260 -32.95 26.30 33.44
C VAL A 260 -33.95 27.15 34.21
N GLU A 261 -33.47 28.23 34.85
CA GLU A 261 -34.37 29.07 35.62
C GLU A 261 -35.36 29.81 34.72
N ALA A 262 -34.90 30.30 33.57
CA ALA A 262 -35.81 30.97 32.64
C ALA A 262 -36.90 30.02 32.16
N VAL A 263 -36.54 28.78 31.83
CA VAL A 263 -37.53 27.79 31.41
C VAL A 263 -38.50 27.49 32.54
N GLU A 264 -37.99 27.33 33.75
CA GLU A 264 -38.85 26.99 34.89
C GLU A 264 -39.83 28.12 35.17
N LEU A 265 -39.37 29.37 35.08
CA LEU A 265 -40.28 30.51 35.26
C LEU A 265 -41.31 30.58 34.14
N ALA A 266 -40.89 30.35 32.88
CA ALA A 266 -41.81 30.47 31.76
C ALA A 266 -42.87 29.38 31.77
N ILE A 267 -42.52 28.16 32.19
CA ILE A 267 -43.45 27.05 32.12
C ILE A 267 -44.45 27.03 33.28
N SER A 268 -44.24 27.87 34.30
CA SER A 268 -45.04 27.83 35.51
C SER A 268 -45.56 29.22 35.86
N ASN A 269 -46.16 29.89 34.88
CA ASN A 269 -46.77 31.20 35.13
C ASN A 269 -47.85 31.06 36.20
N PRO A 270 -47.89 31.99 37.16
CA PRO A 270 -48.79 31.82 38.31
C PRO A 270 -50.27 31.76 37.95
N LEU A 271 -50.70 32.48 36.92
CA LEU A 271 -52.12 32.59 36.61
C LEU A 271 -52.59 31.60 35.56
N LEU A 272 -51.87 30.49 35.39
CA LEU A 272 -52.24 29.45 34.43
C LEU A 272 -52.63 28.18 35.15
N ASP A 273 -53.34 27.32 34.44
CA ASP A 273 -53.77 26.04 35.00
C ASP A 273 -52.56 25.16 35.27
N VAL A 274 -52.43 24.69 36.51
CA VAL A 274 -51.28 23.87 36.92
C VAL A 274 -51.66 22.43 36.61
N ASP A 275 -51.48 22.05 35.34
CA ASP A 275 -51.70 20.67 34.92
C ASP A 275 -50.85 20.44 33.66
N VAL A 276 -49.69 19.80 33.85
CA VAL A 276 -48.77 19.54 32.76
C VAL A 276 -48.37 18.07 32.65
N SER A 277 -48.83 17.22 33.57
CA SER A 277 -48.52 15.80 33.47
C SER A 277 -49.13 15.19 32.21
N LYS A 278 -50.35 15.59 31.87
CA LYS A 278 -51.04 15.09 30.69
C LYS A 278 -50.77 16.00 29.47
N ALA A 279 -49.49 16.08 29.10
CA ALA A 279 -49.06 16.88 27.97
C ALA A 279 -48.33 15.99 26.98
N SER A 280 -48.61 16.18 25.69
CA SER A 280 -48.06 15.33 24.64
C SER A 280 -47.40 16.15 23.54
N ALA A 281 -46.87 17.32 23.89
CA ALA A 281 -46.12 18.14 22.95
C ALA A 281 -45.30 19.15 23.73
N ALA A 282 -44.30 19.73 23.05
CA ALA A 282 -43.44 20.72 23.69
C ALA A 282 -42.75 21.53 22.60
N LEU A 283 -42.19 22.67 23.01
CA LEU A 283 -41.41 23.53 22.13
C LEU A 283 -40.59 24.47 23.00
N ILE A 284 -39.28 24.48 22.78
CA ILE A 284 -38.35 25.30 23.55
C ILE A 284 -37.50 26.10 22.58
N ASN A 285 -37.34 27.39 22.85
CA ASN A 285 -36.66 28.32 21.95
C ASN A 285 -35.65 29.17 22.71
N LEU A 286 -34.78 28.50 23.47
CA LEU A 286 -33.70 29.18 24.19
C LEU A 286 -32.98 30.16 23.29
N CYS A 287 -32.86 31.41 23.74
CA CYS A 287 -32.26 32.49 22.96
C CYS A 287 -31.15 33.16 23.76
N GLY A 288 -30.25 32.34 24.30
CA GLY A 288 -29.18 32.83 25.14
C GLY A 288 -28.02 33.39 24.32
N GLY A 289 -26.94 33.69 25.04
CA GLY A 289 -25.76 34.28 24.44
C GLY A 289 -24.60 33.30 24.37
N PRO A 290 -23.41 33.83 24.05
CA PRO A 290 -22.23 32.95 23.95
C PRO A 290 -21.90 32.23 25.25
N ASN A 291 -22.22 32.82 26.40
CA ASN A 291 -21.88 32.22 27.68
C ASN A 291 -22.62 30.90 27.93
N LEU A 292 -23.70 30.65 27.18
CA LEU A 292 -24.46 29.42 27.37
C LEU A 292 -23.62 28.20 27.04
N THR A 293 -23.70 27.18 27.88
CA THR A 293 -22.97 25.94 27.69
C THR A 293 -23.95 24.81 27.35
N ILE A 294 -23.39 23.74 26.79
CA ILE A 294 -24.22 22.61 26.36
C ILE A 294 -24.88 21.93 27.55
N LYS A 295 -24.19 21.91 28.69
CA LYS A 295 -24.75 21.30 29.89
C LYS A 295 -26.03 22.01 30.32
N HIS A 296 -26.06 23.33 30.26
CA HIS A 296 -27.25 24.07 30.65
C HIS A 296 -28.41 23.81 29.69
N ALA A 297 -28.12 23.74 28.39
CA ALA A 297 -29.16 23.44 27.41
C ALA A 297 -29.74 22.04 27.63
N GLU A 298 -28.85 21.07 27.87
CA GLU A 298 -29.30 19.70 28.15
C GLU A 298 -30.10 19.65 29.43
N GLU A 299 -29.71 20.43 30.44
CA GLU A 299 -30.47 20.47 31.68
C GLU A 299 -31.85 21.08 31.47
N ALA A 300 -31.95 22.12 30.65
CA ALA A 300 -33.26 22.69 30.33
C ALA A 300 -34.14 21.67 29.60
N ILE A 301 -33.56 20.93 28.64
CA ILE A 301 -34.33 19.91 27.94
C ILE A 301 -34.78 18.82 28.90
N ARG A 302 -33.89 18.42 29.83
CA ARG A 302 -34.28 17.43 30.83
C ARG A 302 -35.41 17.95 31.71
N CYS A 303 -35.34 19.22 32.11
CA CYS A 303 -36.35 19.75 33.02
C CYS A 303 -37.71 19.89 32.34
N VAL A 304 -37.74 20.23 31.05
CA VAL A 304 -39.02 20.23 30.35
C VAL A 304 -39.51 18.80 30.13
N ALA A 305 -38.60 17.86 29.87
CA ALA A 305 -39.02 16.50 29.57
C ALA A 305 -39.51 15.76 30.82
N LYS A 306 -38.99 16.09 31.99
CA LYS A 306 -39.33 15.36 33.21
C LYS A 306 -40.66 15.79 33.81
N LYS A 307 -41.22 16.92 33.39
CA LYS A 307 -42.47 17.43 33.95
C LYS A 307 -43.69 17.07 33.12
N ILE A 308 -43.51 16.31 32.04
CA ILE A 308 -44.61 15.95 31.16
C ILE A 308 -44.58 14.44 30.91
N ARG A 309 -45.45 13.97 30.01
CA ARG A 309 -45.50 12.55 29.68
C ARG A 309 -44.14 12.07 29.18
N GLU A 310 -43.76 10.85 29.58
CA GLU A 310 -42.48 10.30 29.18
C GLU A 310 -42.37 10.17 27.67
N ASP A 311 -43.46 9.75 27.02
CA ASP A 311 -43.48 9.65 25.56
C ASP A 311 -43.88 10.97 24.92
N ALA A 312 -43.17 12.04 25.28
CA ALA A 312 -43.45 13.35 24.76
C ALA A 312 -42.79 13.55 23.39
N GLU A 313 -43.24 14.56 22.68
CA GLU A 313 -42.73 14.92 21.37
C GLU A 313 -42.13 16.32 21.47
N ILE A 314 -40.86 16.38 21.88
CA ILE A 314 -40.19 17.65 22.08
C ILE A 314 -39.63 18.16 20.76
N ILE A 315 -39.97 19.40 20.42
CA ILE A 315 -39.45 20.06 19.23
C ILE A 315 -38.74 21.32 19.72
N TRP A 316 -37.45 21.20 20.00
CA TRP A 316 -36.68 22.29 20.59
C TRP A 316 -35.86 23.01 19.52
N GLY A 317 -34.98 23.89 19.97
CA GLY A 317 -34.13 24.66 19.08
C GLY A 317 -33.61 25.91 19.76
N VAL A 318 -32.35 26.27 19.49
CA VAL A 318 -31.67 27.34 20.21
C VAL A 318 -31.24 28.40 19.20
N ILE A 319 -31.58 29.66 19.49
CA ILE A 319 -31.11 30.81 18.74
C ILE A 319 -30.02 31.47 19.56
N ILE A 320 -28.90 31.81 18.92
CA ILE A 320 -27.73 32.33 19.61
C ILE A 320 -27.31 33.64 18.98
N ASP A 321 -27.08 34.65 19.82
CA ASP A 321 -26.64 35.97 19.40
C ASP A 321 -25.46 36.42 20.24
N GLN A 322 -24.49 37.06 19.59
CA GLN A 322 -23.29 37.55 20.28
C GLN A 322 -23.45 39.01 20.72
N ASP A 323 -24.53 39.31 21.43
CA ASP A 323 -24.78 40.66 21.90
C ASP A 323 -25.18 40.76 23.38
N MET A 324 -25.76 39.71 23.96
CA MET A 324 -26.21 39.75 25.34
C MET A 324 -25.36 38.84 26.20
N GLY A 325 -25.34 39.13 27.50
CA GLY A 325 -24.56 38.36 28.45
C GLY A 325 -25.21 37.06 28.86
N LYS A 326 -25.15 36.75 30.15
CA LYS A 326 -25.70 35.50 30.67
C LYS A 326 -27.22 35.44 30.54
N LEU A 327 -27.90 36.56 30.29
CA LEU A 327 -29.35 36.55 30.18
C LEU A 327 -29.81 35.66 29.03
N THR A 328 -30.75 34.76 29.32
CA THR A 328 -31.28 33.83 28.33
C THR A 328 -32.81 33.85 28.39
N ARG A 329 -33.44 34.05 27.24
CA ARG A 329 -34.89 33.95 27.17
C ARG A 329 -35.30 32.50 26.91
N ALA A 330 -36.59 32.23 27.06
CA ALA A 330 -37.08 30.85 26.93
C ALA A 330 -38.55 30.90 26.52
N THR A 331 -38.82 30.64 25.25
CA THR A 331 -40.19 30.53 24.75
C THR A 331 -40.62 29.06 24.84
N VAL A 332 -41.71 28.81 25.55
CA VAL A 332 -42.16 27.45 25.85
C VAL A 332 -43.62 27.30 25.43
N ILE A 333 -43.94 26.16 24.83
CA ILE A 333 -45.29 25.83 24.41
C ILE A 333 -45.58 24.38 24.78
N LEU A 334 -46.77 24.12 25.31
CA LEU A 334 -47.22 22.79 25.64
C LEU A 334 -48.64 22.58 25.12
N SER A 335 -49.03 21.31 25.03
CA SER A 335 -50.39 20.96 24.61
C SER A 335 -50.69 19.50 24.94
N LYS B 37 -13.49 12.40 -7.49
CA LYS B 37 -13.62 13.63 -6.73
C LYS B 37 -14.25 13.37 -5.36
N ILE B 38 -14.28 14.41 -4.53
CA ILE B 38 -14.82 14.34 -3.18
C ILE B 38 -15.97 15.32 -3.07
N THR B 39 -17.14 14.82 -2.68
CA THR B 39 -18.30 15.66 -2.46
C THR B 39 -18.82 15.44 -1.05
N VAL B 40 -19.23 16.51 -0.39
CA VAL B 40 -19.86 16.46 0.93
C VAL B 40 -21.22 17.11 0.81
N ILE B 41 -22.28 16.35 1.06
CA ILE B 41 -23.65 16.82 0.95
C ILE B 41 -24.30 16.77 2.33
N GLY B 42 -24.84 17.89 2.76
CA GLY B 42 -25.55 17.99 4.03
C GLY B 42 -27.05 17.91 3.82
N VAL B 43 -27.72 17.22 4.74
CA VAL B 43 -29.16 17.03 4.69
C VAL B 43 -29.72 17.42 6.05
N GLY B 44 -30.66 18.36 6.06
CA GLY B 44 -31.25 18.84 7.30
C GLY B 44 -30.44 19.95 7.92
N GLY B 45 -30.93 20.43 9.06
CA GLY B 45 -30.25 21.50 9.77
C GLY B 45 -28.86 21.12 10.22
N ALA B 46 -28.69 19.90 10.75
CA ALA B 46 -27.38 19.44 11.15
C ALA B 46 -26.44 19.33 9.97
N GLY B 47 -26.94 18.83 8.83
CA GLY B 47 -26.12 18.78 7.63
C GLY B 47 -25.68 20.17 7.18
N ASN B 48 -26.58 21.15 7.23
CA ASN B 48 -26.22 22.50 6.86
C ASN B 48 -25.18 23.07 7.82
N ASN B 49 -25.33 22.81 9.11
CA ASN B 49 -24.34 23.29 10.08
C ASN B 49 -22.97 22.67 9.81
N THR B 50 -22.95 21.37 9.53
CA THR B 50 -21.68 20.70 9.25
C THR B 50 -21.04 21.23 7.98
N ILE B 51 -21.85 21.46 6.93
CA ILE B 51 -21.32 22.00 5.69
C ILE B 51 -20.78 23.42 5.89
N THR B 52 -21.49 24.23 6.69
CA THR B 52 -21.00 25.57 7.00
C THR B 52 -19.68 25.50 7.75
N ARG B 53 -19.56 24.58 8.71
CA ARG B 53 -18.31 24.42 9.46
C ARG B 53 -17.17 24.04 8.53
N LEU B 54 -17.42 23.07 7.63
CA LEU B 54 -16.39 22.65 6.70
C LEU B 54 -15.98 23.78 5.75
N LYS B 55 -16.96 24.54 5.25
CA LYS B 55 -16.65 25.63 4.34
C LYS B 55 -15.86 26.73 5.04
N MET B 56 -16.22 27.06 6.29
CA MET B 56 -15.48 28.05 7.04
C MET B 56 -14.06 27.59 7.32
N GLU B 57 -13.89 26.32 7.71
CA GLU B 57 -12.55 25.80 7.98
C GLU B 57 -11.71 25.76 6.71
N GLY B 58 -12.29 25.33 5.60
CA GLY B 58 -11.57 25.23 4.34
C GLY B 58 -11.07 23.83 4.05
N VAL B 59 -11.66 23.18 3.06
CA VAL B 59 -11.29 21.82 2.68
C VAL B 59 -10.80 21.82 1.24
N GLU B 60 -9.71 21.12 0.98
CA GLU B 60 -9.11 21.06 -0.34
C GLU B 60 -9.53 19.79 -1.05
N GLY B 61 -9.99 19.93 -2.28
CA GLY B 61 -10.40 18.78 -3.08
C GLY B 61 -11.81 18.30 -2.83
N ALA B 62 -12.61 19.03 -2.07
CA ALA B 62 -13.98 18.63 -1.76
C ALA B 62 -14.95 19.73 -2.18
N THR B 63 -16.13 19.31 -2.61
CA THR B 63 -17.19 20.23 -3.05
C THR B 63 -18.37 20.11 -2.10
N THR B 64 -18.88 21.25 -1.64
CA THR B 64 -19.93 21.30 -0.62
C THR B 64 -21.29 21.52 -1.28
N VAL B 65 -22.26 20.69 -0.91
CA VAL B 65 -23.64 20.81 -1.37
C VAL B 65 -24.55 20.68 -0.16
N ALA B 66 -25.59 21.53 -0.09
CA ALA B 66 -26.55 21.51 0.99
C ALA B 66 -27.95 21.32 0.44
N VAL B 67 -28.72 20.42 1.05
CA VAL B 67 -30.10 20.15 0.65
C VAL B 67 -30.97 20.13 1.90
N ASN B 68 -31.98 20.99 1.93
CA ASN B 68 -32.91 21.05 3.04
C ASN B 68 -34.14 21.84 2.59
N THR B 69 -35.33 21.38 3.01
CA THR B 69 -36.57 22.03 2.58
C THR B 69 -36.66 23.46 3.09
N ASP B 70 -36.23 23.69 4.33
CA ASP B 70 -36.32 25.02 4.93
C ASP B 70 -35.47 26.02 4.17
N ALA B 71 -36.12 26.93 3.45
CA ALA B 71 -35.38 27.93 2.68
C ALA B 71 -34.61 28.88 3.59
N GLN B 72 -35.06 29.06 4.83
CA GLN B 72 -34.34 29.92 5.77
C GLN B 72 -32.95 29.39 6.05
N GLY B 73 -32.84 28.07 6.28
CA GLY B 73 -31.53 27.48 6.55
C GLY B 73 -30.59 27.62 5.37
N LEU B 74 -31.08 27.37 4.16
CA LEU B 74 -30.25 27.53 2.97
C LEU B 74 -29.85 28.99 2.77
N LEU B 75 -30.75 29.92 3.09
CA LEU B 75 -30.43 31.33 2.98
C LEU B 75 -29.32 31.72 3.95
N HIS B 76 -29.35 31.17 5.16
CA HIS B 76 -28.39 31.54 6.19
C HIS B 76 -27.22 30.57 6.30
N THR B 77 -27.10 29.62 5.37
CA THR B 77 -25.96 28.71 5.34
C THR B 77 -24.89 29.21 4.38
N ILE B 78 -23.71 28.60 4.46
CA ILE B 78 -22.58 28.92 3.61
C ILE B 78 -22.17 27.65 2.88
N SER B 79 -22.36 27.65 1.56
CA SER B 79 -21.99 26.51 0.72
C SER B 79 -21.98 26.96 -0.73
N ASP B 80 -21.42 26.11 -1.58
CA ASP B 80 -21.34 26.43 -3.00
C ASP B 80 -22.64 26.11 -3.72
N GLN B 81 -23.05 24.85 -3.70
CA GLN B 81 -24.29 24.41 -4.34
C GLN B 81 -25.37 24.32 -3.28
N LYS B 82 -26.35 25.21 -3.36
CA LYS B 82 -27.50 25.23 -2.44
C LYS B 82 -28.71 24.74 -3.23
N ILE B 83 -28.89 23.43 -3.27
CA ILE B 83 -29.98 22.80 -4.02
C ILE B 83 -31.17 22.68 -3.08
N LEU B 84 -32.15 23.56 -3.26
CA LEU B 84 -33.37 23.49 -2.47
C LEU B 84 -34.16 22.24 -2.82
N LEU B 85 -34.82 21.68 -1.81
CA LEU B 85 -35.62 20.47 -1.98
C LEU B 85 -36.97 20.80 -2.60
N GLY B 86 -37.93 19.88 -2.49
CA GLY B 86 -39.18 19.96 -3.21
C GLY B 86 -40.16 20.97 -2.67
N LYS B 87 -39.92 22.25 -2.98
CA LYS B 87 -40.78 23.33 -2.51
C LYS B 87 -42.21 23.20 -3.01
N GLN B 88 -42.46 22.37 -4.02
CA GLN B 88 -43.81 22.15 -4.50
C GLN B 88 -44.70 21.52 -3.44
N LEU B 89 -44.12 20.96 -2.38
CA LEU B 89 -44.87 20.36 -1.28
C LEU B 89 -44.80 21.18 0.00
N THR B 90 -43.61 21.55 0.45
CA THR B 90 -43.42 22.21 1.74
C THR B 90 -42.47 23.41 1.60
N LYS B 91 -42.77 24.28 0.64
CA LYS B 91 -41.92 25.44 0.33
C LYS B 91 -41.57 26.25 1.58
N GLY B 92 -40.27 26.35 1.85
CA GLY B 92 -39.74 27.31 2.78
C GLY B 92 -40.20 27.18 4.22
N LEU B 93 -40.74 26.03 4.61
CA LEU B 93 -41.21 25.84 5.97
C LEU B 93 -40.46 24.74 6.71
N GLY B 94 -40.35 23.55 6.11
CA GLY B 94 -39.67 22.45 6.76
C GLY B 94 -40.58 21.25 6.95
N ALA B 95 -39.99 20.07 7.12
CA ALA B 95 -40.77 18.85 7.25
C ALA B 95 -41.34 18.65 8.65
N GLY B 96 -40.89 19.42 9.63
CA GLY B 96 -41.33 19.17 10.99
C GLY B 96 -40.84 17.82 11.48
N ASN B 97 -41.63 17.19 12.34
CA ASN B 97 -41.35 15.83 12.80
C ASN B 97 -42.15 14.82 11.96
N ASP B 98 -41.83 14.79 10.68
CA ASP B 98 -42.50 13.89 9.73
C ASP B 98 -41.48 13.44 8.70
N PRO B 99 -40.85 12.28 8.90
CA PRO B 99 -39.91 11.77 7.89
C PRO B 99 -40.57 11.51 6.55
N LYS B 100 -41.86 11.14 6.53
CA LYS B 100 -42.53 10.86 5.28
C LYS B 100 -42.65 12.12 4.41
N ILE B 101 -42.90 13.28 5.04
CA ILE B 101 -42.99 14.53 4.29
C ILE B 101 -41.66 14.83 3.60
N GLY B 102 -40.56 14.66 4.31
CA GLY B 102 -39.25 14.83 3.68
C GLY B 102 -38.99 13.80 2.60
N GLU B 103 -39.46 12.57 2.82
CA GLU B 103 -39.30 11.52 1.81
C GLU B 103 -40.00 11.91 0.51
N ALA B 104 -41.24 12.41 0.62
CA ALA B 104 -41.97 12.82 -0.57
C ALA B 104 -41.34 14.05 -1.22
N ALA B 105 -40.86 14.99 -0.40
CA ALA B 105 -40.28 16.22 -0.94
C ALA B 105 -39.03 15.93 -1.76
N ALA B 106 -38.17 15.03 -1.27
CA ALA B 106 -36.94 14.71 -1.98
C ALA B 106 -37.24 14.03 -3.31
N LYS B 107 -38.24 13.14 -3.35
CA LYS B 107 -38.58 12.47 -4.59
C LYS B 107 -39.11 13.44 -5.64
N GLU B 108 -39.65 14.59 -5.21
CA GLU B 108 -40.13 15.58 -6.17
C GLU B 108 -38.97 16.13 -7.00
N ALA B 109 -37.84 16.41 -6.37
CA ALA B 109 -36.67 16.98 -7.02
C ALA B 109 -35.55 15.95 -7.15
N ILE B 110 -35.92 14.69 -7.43
CA ILE B 110 -34.90 13.65 -7.53
C ILE B 110 -34.03 13.87 -8.77
N GLU B 111 -34.58 14.47 -9.83
CA GLU B 111 -33.80 14.71 -11.03
C GLU B 111 -32.68 15.72 -10.78
N GLU B 112 -32.96 16.77 -10.00
CA GLU B 112 -31.95 17.78 -9.73
C GLU B 112 -30.79 17.24 -8.91
N LEU B 113 -31.07 16.30 -8.00
CA LEU B 113 -30.01 15.73 -7.17
C LEU B 113 -29.31 14.55 -7.83
N ARG B 114 -29.81 14.06 -8.97
CA ARG B 114 -29.11 12.99 -9.67
C ARG B 114 -27.81 13.47 -10.30
N GLU B 115 -27.77 14.72 -10.74
CA GLU B 115 -26.60 15.26 -11.42
C GLU B 115 -25.50 15.70 -10.48
N VAL B 116 -25.71 15.63 -9.17
CA VAL B 116 -24.70 16.03 -8.20
C VAL B 116 -24.02 14.86 -7.51
N VAL B 117 -24.64 13.68 -7.48
CA VAL B 117 -24.07 12.52 -6.81
C VAL B 117 -23.28 11.68 -7.80
N LYS B 118 -23.09 12.19 -9.01
CA LYS B 118 -22.33 11.48 -10.04
C LYS B 118 -20.84 11.81 -9.88
N SER B 119 -20.28 11.28 -8.79
CA SER B 119 -18.88 11.52 -8.45
C SER B 119 -18.28 10.20 -7.98
N ASP B 120 -17.08 10.27 -7.41
CA ASP B 120 -16.36 9.09 -6.95
C ASP B 120 -16.56 8.82 -5.46
N MET B 121 -16.40 9.85 -4.62
CA MET B 121 -16.52 9.72 -3.18
C MET B 121 -17.54 10.73 -2.68
N ILE B 122 -18.54 10.25 -1.94
CA ILE B 122 -19.61 11.11 -1.43
C ILE B 122 -19.72 10.91 0.08
N PHE B 123 -19.94 12.01 0.79
CA PHE B 123 -20.12 12.03 2.25
C PHE B 123 -21.48 12.65 2.54
N ILE B 124 -22.44 11.82 2.90
CA ILE B 124 -23.78 12.27 3.27
C ILE B 124 -23.80 12.54 4.77
N THR B 125 -23.83 13.82 5.15
CA THR B 125 -23.91 14.20 6.55
C THR B 125 -25.31 14.68 6.88
N CYS B 126 -25.94 14.06 7.87
CA CYS B 126 -27.31 14.41 8.23
C CYS B 126 -27.59 13.99 9.67
N GLY B 127 -28.23 14.89 10.41
CA GLY B 127 -28.63 14.59 11.77
C GLY B 127 -29.93 13.81 11.82
N LEU B 128 -29.85 12.54 12.24
CA LEU B 128 -31.03 11.68 12.25
C LEU B 128 -32.02 12.13 13.32
N GLY B 129 -33.21 11.56 13.26
CA GLY B 129 -34.26 11.85 14.22
C GLY B 129 -35.01 13.14 13.97
N GLY B 130 -34.68 13.89 12.92
CA GLY B 130 -35.34 15.16 12.63
C GLY B 130 -36.41 15.01 11.57
N GLY B 131 -36.43 15.96 10.65
CA GLY B 131 -37.39 15.96 9.56
C GLY B 131 -36.79 15.48 8.27
N THR B 132 -36.40 16.42 7.40
CA THR B 132 -35.78 16.05 6.13
C THR B 132 -34.50 15.26 6.32
N GLY B 133 -33.87 15.34 7.49
CA GLY B 133 -32.66 14.56 7.73
C GLY B 133 -32.90 13.07 7.65
N THR B 134 -34.01 12.60 8.22
CA THR B 134 -34.34 11.18 8.20
C THR B 134 -35.03 10.75 6.91
N GLY B 135 -35.49 11.69 6.10
CA GLY B 135 -36.25 11.35 4.91
C GLY B 135 -35.48 11.53 3.61
N ALA B 136 -34.55 12.47 3.58
CA ALA B 136 -33.72 12.69 2.41
C ALA B 136 -32.41 11.93 2.48
N ALA B 137 -32.19 11.14 3.53
CA ALA B 137 -31.04 10.25 3.62
C ALA B 137 -31.25 8.98 2.79
N PRO B 138 -32.41 8.30 2.86
CA PRO B 138 -32.56 7.07 2.06
C PRO B 138 -32.48 7.30 0.56
N VAL B 139 -33.31 8.20 0.03
CA VAL B 139 -33.46 8.32 -1.42
C VAL B 139 -32.24 8.94 -2.07
N ILE B 140 -31.36 9.59 -1.32
CA ILE B 140 -30.19 10.24 -1.89
C ILE B 140 -28.99 9.31 -1.77
N ALA B 141 -28.96 8.50 -0.70
CA ALA B 141 -27.95 7.46 -0.61
C ALA B 141 -28.12 6.42 -1.72
N GLU B 142 -29.36 6.00 -1.96
CA GLU B 142 -29.64 5.10 -3.08
C GLU B 142 -29.34 5.78 -4.40
N LEU B 143 -29.68 7.06 -4.53
CA LEU B 143 -29.39 7.80 -5.75
C LEU B 143 -27.89 7.87 -6.00
N ALA B 144 -27.10 8.08 -4.94
CA ALA B 144 -25.66 8.10 -5.10
C ALA B 144 -25.11 6.72 -5.44
N LYS B 145 -25.71 5.67 -4.86
CA LYS B 145 -25.25 4.32 -5.16
C LYS B 145 -25.48 3.95 -6.62
N GLU B 146 -26.62 4.37 -7.18
CA GLU B 146 -26.92 4.04 -8.58
C GLU B 146 -25.96 4.72 -9.56
N GLU B 147 -25.21 5.71 -9.10
CA GLU B 147 -24.19 6.36 -9.92
C GLU B 147 -22.82 5.71 -9.75
N LYS B 148 -22.74 4.58 -9.04
CA LYS B 148 -21.50 3.86 -8.82
C LYS B 148 -20.47 4.73 -8.10
N ALA B 149 -20.82 5.14 -6.89
CA ALA B 149 -19.98 6.00 -6.07
C ALA B 149 -19.80 5.37 -4.69
N LEU B 150 -18.69 5.74 -4.04
CA LEU B 150 -18.37 5.24 -2.71
C LEU B 150 -18.99 6.16 -1.67
N THR B 151 -19.88 5.61 -0.85
CA THR B 151 -20.73 6.38 0.06
C THR B 151 -20.20 6.26 1.49
N VAL B 152 -20.11 7.40 2.17
CA VAL B 152 -19.80 7.44 3.60
C VAL B 152 -20.83 8.34 4.27
N SER B 153 -21.50 7.83 5.28
CA SER B 153 -22.58 8.55 5.96
C SER B 153 -22.12 8.98 7.34
N ILE B 154 -22.33 10.26 7.65
CA ILE B 154 -22.03 10.84 8.95
C ILE B 154 -23.35 11.30 9.55
N VAL B 155 -23.78 10.65 10.63
CA VAL B 155 -25.04 10.96 11.28
C VAL B 155 -24.79 11.22 12.76
N THR B 156 -25.70 11.97 13.36
CA THR B 156 -25.61 12.33 14.78
C THR B 156 -26.90 11.91 15.46
N LEU B 157 -26.78 11.02 16.43
CA LEU B 157 -27.95 10.60 17.19
C LEU B 157 -28.44 11.75 18.08
N PRO B 158 -29.74 11.86 18.30
CA PRO B 158 -30.27 12.94 19.16
C PRO B 158 -29.97 12.66 20.63
N PHE B 159 -30.21 13.68 21.44
CA PHE B 159 -29.99 13.54 22.88
C PHE B 159 -30.91 12.48 23.46
N LYS B 160 -30.39 11.71 24.42
CA LYS B 160 -31.18 10.66 25.05
C LYS B 160 -32.38 11.24 25.79
N ALA B 161 -32.18 12.33 26.52
CA ALA B 161 -33.26 12.98 27.26
C ALA B 161 -33.95 14.03 26.39
N GLU B 162 -34.48 13.56 25.26
CA GLU B 162 -35.17 14.44 24.32
C GLU B 162 -36.47 13.80 23.81
N GLY B 163 -37.02 12.83 24.52
CA GLY B 163 -38.25 12.22 24.09
C GLY B 163 -38.01 11.02 23.19
N VAL B 164 -38.95 10.06 23.24
CA VAL B 164 -38.86 8.89 22.39
C VAL B 164 -39.19 9.21 20.94
N LYS B 165 -39.85 10.33 20.69
CA LYS B 165 -40.18 10.71 19.32
C LYS B 165 -38.92 10.95 18.49
N ARG B 166 -37.93 11.65 19.07
CA ARG B 166 -36.69 11.90 18.35
C ARG B 166 -35.81 10.66 18.27
N GLU B 167 -36.05 9.66 19.12
CA GLU B 167 -35.20 8.48 19.18
C GLU B 167 -35.68 7.35 18.28
N ALA B 168 -36.99 7.09 18.24
CA ALA B 168 -37.52 6.01 17.43
C ALA B 168 -37.25 6.24 15.95
N ASN B 169 -37.54 7.44 15.46
CA ASN B 169 -37.31 7.73 14.05
C ASN B 169 -35.81 7.82 13.73
N ALA B 170 -35.00 8.22 14.71
CA ALA B 170 -33.55 8.20 14.50
C ALA B 170 -33.04 6.77 14.33
N ARG B 171 -33.54 5.85 15.17
CA ARG B 171 -33.18 4.45 15.02
C ARG B 171 -33.65 3.89 13.69
N TRP B 172 -34.87 4.27 13.28
CA TRP B 172 -35.38 3.84 11.97
C TRP B 172 -34.48 4.33 10.84
N GLY B 173 -34.09 5.61 10.90
CA GLY B 173 -33.20 6.16 9.89
C GLY B 173 -31.84 5.48 9.87
N LEU B 174 -31.28 5.21 11.04
CA LEU B 174 -30.00 4.50 11.09
C LEU B 174 -30.11 3.11 10.50
N GLU B 175 -31.18 2.38 10.84
CA GLU B 175 -31.35 1.02 10.34
C GLU B 175 -31.55 1.01 8.83
N GLN B 176 -32.31 1.97 8.29
CA GLN B 176 -32.47 2.00 6.84
C GLN B 176 -31.22 2.50 6.14
N LEU B 177 -30.43 3.35 6.79
CA LEU B 177 -29.25 3.92 6.13
C LEU B 177 -28.11 2.90 6.08
N LEU B 178 -27.95 2.09 7.12
CA LEU B 178 -26.92 1.05 7.07
C LEU B 178 -27.23 0.03 5.97
N LYS B 179 -28.50 -0.13 5.62
CA LYS B 179 -28.87 -1.02 4.52
C LYS B 179 -28.44 -0.44 3.17
N VAL B 180 -28.73 0.83 2.94
CA VAL B 180 -28.51 1.41 1.63
C VAL B 180 -27.04 1.78 1.39
N CYS B 181 -26.29 2.04 2.46
CA CYS B 181 -24.89 2.40 2.35
C CYS B 181 -24.02 1.27 2.88
N ASP B 182 -22.70 1.47 2.79
CA ASP B 182 -21.74 0.48 3.24
C ASP B 182 -20.91 0.92 4.44
N SER B 183 -20.85 2.22 4.73
CA SER B 183 -20.10 2.74 5.87
C SER B 183 -20.95 3.79 6.57
N VAL B 184 -21.20 3.58 7.87
CA VAL B 184 -21.98 4.49 8.69
C VAL B 184 -21.17 4.85 9.93
N ILE B 185 -21.12 6.14 10.24
CA ILE B 185 -20.42 6.63 11.42
C ILE B 185 -21.44 7.35 12.30
N VAL B 186 -21.52 6.94 13.57
CA VAL B 186 -22.50 7.47 14.51
C VAL B 186 -21.75 8.18 15.64
N ILE B 187 -22.17 9.41 15.94
CA ILE B 187 -21.59 10.19 17.03
C ILE B 187 -22.73 10.74 17.89
N PRO B 188 -23.21 9.98 18.87
CA PRO B 188 -24.31 10.47 19.71
C PRO B 188 -23.92 11.74 20.46
N ASN B 189 -24.87 12.67 20.56
CA ASN B 189 -24.61 13.93 21.25
C ASN B 189 -24.39 13.71 22.74
N ASP B 190 -24.96 12.66 23.31
CA ASP B 190 -24.77 12.38 24.74
C ASP B 190 -23.29 12.22 25.07
N ARG B 191 -22.55 11.52 24.21
CA ARG B 191 -21.10 11.39 24.40
C ARG B 191 -20.44 12.75 24.52
N ILE B 192 -20.93 13.74 23.78
CA ILE B 192 -20.36 15.09 23.86
C ILE B 192 -20.48 15.62 25.28
N LEU B 193 -21.62 15.42 25.92
CA LEU B 193 -21.79 15.87 27.30
C LEU B 193 -20.85 15.15 28.25
N GLU B 194 -20.36 13.97 27.88
CA GLU B 194 -19.38 13.25 28.67
C GLU B 194 -17.95 13.53 28.24
N ILE B 195 -17.74 14.39 27.24
CA ILE B 195 -16.40 14.74 26.76
C ILE B 195 -16.10 16.21 27.03
N ALA B 196 -16.96 17.11 26.58
CA ALA B 196 -16.80 18.56 26.77
C ALA B 196 -18.08 19.13 27.37
N PRO B 197 -18.28 18.98 28.68
CA PRO B 197 -19.44 19.56 29.34
C PRO B 197 -19.37 21.06 29.54
N GLU B 198 -18.39 21.73 28.93
CA GLU B 198 -18.17 23.17 29.11
C GLU B 198 -17.96 23.81 27.74
N LEU B 199 -17.45 25.04 27.73
CA LEU B 199 -17.15 25.80 26.52
C LEU B 199 -18.44 26.21 25.81
N SER B 200 -18.31 27.03 24.76
CA SER B 200 -19.48 27.65 24.14
C SER B 200 -20.31 26.60 23.39
N LEU B 201 -21.42 27.07 22.82
CA LEU B 201 -22.36 26.19 22.14
C LEU B 201 -21.73 25.54 20.91
N ASN B 202 -21.03 26.33 20.09
CA ASN B 202 -20.51 25.84 18.83
C ASN B 202 -19.34 24.89 19.00
N GLU B 203 -18.64 24.94 20.13
CA GLU B 203 -17.45 24.11 20.31
C GLU B 203 -17.82 22.63 20.42
N ALA B 204 -18.95 22.32 21.05
CA ALA B 204 -19.38 20.93 21.15
C ALA B 204 -19.68 20.35 19.76
N PHE B 205 -20.38 21.13 18.92
CA PHE B 205 -20.70 20.64 17.58
C PHE B 205 -19.48 20.62 16.69
N ARG B 206 -18.49 21.49 16.97
CA ARG B 206 -17.21 21.41 16.27
C ARG B 206 -16.47 20.14 16.66
N LEU B 207 -16.51 19.77 17.94
CA LEU B 207 -15.96 18.49 18.36
C LEU B 207 -16.68 17.33 17.69
N ALA B 208 -18.00 17.46 17.50
CA ALA B 208 -18.73 16.46 16.73
C ALA B 208 -18.29 16.46 15.27
N ASP B 209 -17.91 17.61 14.74
CA ASP B 209 -17.49 17.77 13.36
C ASP B 209 -16.02 17.40 13.15
N GLU B 210 -15.27 17.17 14.23
CA GLU B 210 -13.84 16.93 14.08
C GLU B 210 -13.55 15.65 13.31
N ILE B 211 -14.35 14.61 13.54
CA ILE B 211 -14.09 13.33 12.88
C ILE B 211 -14.29 13.44 11.38
N LEU B 212 -15.31 14.20 10.94
CA LEU B 212 -15.59 14.31 9.52
C LEU B 212 -14.53 15.12 8.80
N ILE B 213 -14.09 16.24 9.39
CA ILE B 213 -13.04 17.03 8.75
C ILE B 213 -11.72 16.25 8.74
N GLY B 214 -11.44 15.51 9.81
CA GLY B 214 -10.25 14.68 9.81
C GLY B 214 -10.30 13.60 8.75
N GLY B 215 -11.45 12.96 8.58
CA GLY B 215 -11.57 11.93 7.55
C GLY B 215 -11.47 12.49 6.15
N VAL B 216 -12.09 13.64 5.90
CA VAL B 216 -12.03 14.22 4.56
C VAL B 216 -10.63 14.75 4.27
N LYS B 217 -9.90 15.19 5.30
CA LYS B 217 -8.50 15.57 5.09
C LYS B 217 -7.64 14.35 4.81
N GLY B 218 -7.91 13.23 5.50
CA GLY B 218 -7.14 12.02 5.25
C GLY B 218 -7.39 11.45 3.86
N ILE B 219 -8.65 11.42 3.43
CA ILE B 219 -8.98 10.87 2.12
C ILE B 219 -8.38 11.72 1.00
N THR B 220 -8.49 13.04 1.12
CA THR B 220 -7.91 13.92 0.11
C THR B 220 -6.39 13.94 0.17
N GLU B 221 -5.78 13.36 1.20
CA GLU B 221 -4.34 13.27 1.31
C GLU B 221 -3.78 12.02 0.63
N LEU B 222 -4.56 10.94 0.60
CA LEU B 222 -4.12 9.72 -0.08
C LEU B 222 -3.96 9.94 -1.58
N ILE B 223 -4.88 10.69 -2.19
CA ILE B 223 -4.85 10.89 -3.64
C ILE B 223 -3.59 11.62 -4.05
N PHE B 224 -3.21 12.65 -3.30
CA PHE B 224 -1.99 13.39 -3.55
C PHE B 224 -0.81 12.74 -2.83
N LYS B 225 0.39 13.25 -3.10
CA LYS B 225 1.62 12.87 -2.41
C LYS B 225 1.83 11.36 -2.42
N PRO B 226 2.19 10.76 -3.56
CA PRO B 226 2.49 9.33 -3.57
C PRO B 226 3.68 9.00 -2.66
N GLY B 227 3.60 7.83 -2.02
CA GLY B 227 4.62 7.44 -1.07
C GLY B 227 5.34 6.16 -1.42
N LEU B 228 6.12 5.64 -0.47
CA LEU B 228 6.87 4.41 -0.72
C LEU B 228 5.95 3.20 -0.77
N ILE B 229 4.90 3.20 0.06
CA ILE B 229 3.89 2.15 0.08
C ILE B 229 2.60 2.78 -0.46
N ASN B 230 2.75 3.69 -1.41
CA ASN B 230 1.69 4.55 -1.92
C ASN B 230 0.37 3.80 -2.10
N LEU B 231 -0.71 4.43 -1.61
CA LEU B 231 -2.06 3.95 -1.78
C LEU B 231 -2.84 4.87 -2.71
N ASP B 232 -3.91 4.34 -3.29
CA ASP B 232 -4.75 5.11 -4.21
C ASP B 232 -6.21 4.80 -3.91
N PHE B 233 -7.10 5.37 -4.72
CA PHE B 233 -8.53 5.25 -4.45
C PHE B 233 -9.00 3.80 -4.55
N ALA B 234 -8.31 2.97 -5.33
CA ALA B 234 -8.68 1.56 -5.41
C ALA B 234 -8.54 0.87 -4.06
N ASP B 235 -7.48 1.19 -3.32
CA ASP B 235 -7.32 0.65 -1.98
C ASP B 235 -8.39 1.19 -1.04
N VAL B 236 -8.78 2.46 -1.23
CA VAL B 236 -9.82 3.06 -0.41
C VAL B 236 -11.14 2.32 -0.63
N LYS B 237 -11.46 2.01 -1.88
CA LYS B 237 -12.68 1.29 -2.21
C LYS B 237 -12.46 -0.22 -2.03
N LYS B 238 -11.92 -0.59 -0.88
CA LYS B 238 -11.76 -1.99 -0.48
C LYS B 238 -12.25 -2.16 0.95
N VAL B 239 -12.19 -1.07 1.72
CA VAL B 239 -12.60 -1.07 3.13
C VAL B 239 -13.86 -0.26 3.37
N MET B 240 -14.38 0.43 2.36
CA MET B 240 -15.57 1.26 2.52
C MET B 240 -16.76 0.73 1.76
N ASN B 241 -16.63 -0.37 1.03
CA ASN B 241 -17.73 -0.99 0.32
C ASN B 241 -18.21 -2.27 1.00
N ASN B 242 -17.75 -2.54 2.23
CA ASN B 242 -18.09 -3.76 2.94
C ASN B 242 -18.49 -3.43 4.37
N LYS B 243 -19.13 -4.40 5.02
CA LYS B 243 -19.53 -4.31 6.42
C LYS B 243 -20.48 -3.14 6.66
N GLY B 244 -20.67 -2.77 7.92
CA GLY B 244 -21.56 -1.68 8.28
C GLY B 244 -20.84 -0.47 8.82
N THR B 245 -20.83 -0.32 10.15
CA THR B 245 -20.25 0.84 10.79
C THR B 245 -18.73 0.84 10.61
N ALA B 246 -18.14 2.02 10.81
CA ALA B 246 -16.70 2.20 10.65
C ALA B 246 -16.25 3.39 11.48
N ILE B 247 -14.94 3.46 11.71
CA ILE B 247 -14.33 4.52 12.49
C ILE B 247 -13.14 5.08 11.71
N ILE B 248 -13.15 6.40 11.48
CA ILE B 248 -12.08 7.07 10.75
C ILE B 248 -11.65 8.31 11.55
N GLY B 249 -10.48 8.81 11.24
CA GLY B 249 -9.94 9.99 11.88
C GLY B 249 -8.42 9.92 12.00
N MET B 250 -7.80 11.10 11.94
CA MET B 250 -6.35 11.22 12.03
C MET B 250 -5.94 11.74 13.42
N ALA B 251 -4.64 11.95 13.60
CA ALA B 251 -4.09 12.51 14.83
C ALA B 251 -2.67 12.98 14.53
N GLU B 252 -1.98 13.47 15.57
CA GLU B 252 -0.61 13.93 15.43
C GLU B 252 0.16 13.60 16.70
N SER B 253 1.49 13.55 16.56
CA SER B 253 2.37 13.29 17.70
C SER B 253 3.74 13.87 17.38
N ALA B 254 4.50 14.13 18.45
CA ALA B 254 5.84 14.69 18.29
C ALA B 254 6.89 14.06 19.21
N SER B 255 6.55 13.02 19.97
CA SER B 255 7.50 12.40 20.88
C SER B 255 8.40 11.44 20.11
N ASN B 256 9.19 10.65 20.83
CA ASN B 256 10.08 9.69 20.19
C ASN B 256 9.29 8.64 19.42
N ASN B 257 8.23 8.11 20.02
CA ASN B 257 7.33 7.20 19.33
C ASN B 257 6.20 7.97 18.65
N SER B 258 6.59 8.78 17.68
CA SER B 258 5.65 9.68 17.02
C SER B 258 4.56 8.90 16.29
N ALA B 259 4.96 7.94 15.45
CA ALA B 259 3.98 7.19 14.67
C ALA B 259 3.08 6.36 15.58
N VAL B 260 3.66 5.68 16.58
CA VAL B 260 2.87 4.83 17.45
C VAL B 260 1.85 5.65 18.24
N GLU B 261 2.30 6.78 18.80
CA GLU B 261 1.40 7.61 19.58
C GLU B 261 0.33 8.25 18.70
N ALA B 262 0.69 8.69 17.50
CA ALA B 262 -0.30 9.25 16.59
C ALA B 262 -1.35 8.21 16.22
N VAL B 263 -0.93 6.99 15.93
CA VAL B 263 -1.88 5.93 15.61
C VAL B 263 -2.77 5.63 16.80
N GLU B 264 -2.19 5.56 18.00
CA GLU B 264 -2.98 5.25 19.19
C GLU B 264 -3.98 6.37 19.51
N LEU B 265 -3.63 7.62 19.21
CA LEU B 265 -4.58 8.71 19.40
C LEU B 265 -5.68 8.69 18.36
N ALA B 266 -5.33 8.42 17.09
CA ALA B 266 -6.33 8.43 16.04
C ALA B 266 -7.29 7.25 16.16
N ILE B 267 -6.83 6.11 16.67
CA ILE B 267 -7.67 4.92 16.74
C ILE B 267 -8.68 5.01 17.87
N SER B 268 -8.49 5.92 18.82
CA SER B 268 -9.29 5.98 20.04
C SER B 268 -9.80 7.41 20.28
N ASN B 269 -10.39 7.99 19.25
CA ASN B 269 -11.00 9.31 19.41
C ASN B 269 -12.08 9.25 20.48
N PRO B 270 -12.22 10.28 21.31
CA PRO B 270 -13.11 10.19 22.47
C PRO B 270 -14.59 10.03 22.13
N LEU B 271 -15.12 10.91 21.29
CA LEU B 271 -16.55 10.91 21.01
C LEU B 271 -16.98 9.77 20.09
N LEU B 272 -16.05 9.17 19.35
CA LEU B 272 -16.39 8.07 18.46
C LEU B 272 -16.73 6.81 19.27
N ASP B 273 -17.49 5.93 18.65
CA ASP B 273 -17.88 4.68 19.30
C ASP B 273 -16.66 3.81 19.54
N VAL B 274 -16.68 3.08 20.66
CA VAL B 274 -15.57 2.21 21.03
C VAL B 274 -15.92 0.77 20.69
N ASP B 275 -15.56 0.35 19.47
CA ASP B 275 -15.76 -1.04 19.05
C ASP B 275 -14.71 -1.34 17.99
N VAL B 276 -13.65 -2.04 18.40
CA VAL B 276 -12.53 -2.32 17.50
C VAL B 276 -12.24 -3.82 17.50
N SER B 277 -12.82 -4.54 18.46
CA SER B 277 -12.62 -5.98 18.51
C SER B 277 -13.19 -6.67 17.28
N LYS B 278 -14.37 -6.23 16.84
CA LYS B 278 -15.02 -6.78 15.64
C LYS B 278 -14.79 -5.83 14.48
N ALA B 279 -13.55 -5.85 13.96
CA ALA B 279 -13.17 -5.02 12.83
C ALA B 279 -12.41 -5.87 11.81
N SER B 280 -12.61 -5.58 10.54
CA SER B 280 -12.02 -6.37 9.47
C SER B 280 -11.46 -5.48 8.37
N ALA B 281 -10.78 -4.40 8.75
CA ALA B 281 -10.15 -3.51 7.79
C ALA B 281 -9.15 -2.62 8.51
N ALA B 282 -8.29 -1.97 7.72
CA ALA B 282 -7.32 -1.01 8.21
C ALA B 282 -6.71 -0.27 7.03
N LEU B 283 -6.51 1.02 7.20
CA LEU B 283 -5.95 1.89 6.16
C LEU B 283 -4.92 2.83 6.77
N ILE B 284 -4.04 2.27 7.61
CA ILE B 284 -3.00 3.06 8.26
C ILE B 284 -2.19 3.81 7.21
N ASN B 285 -1.95 5.09 7.46
CA ASN B 285 -1.29 5.97 6.50
C ASN B 285 -0.20 6.78 7.19
N LEU B 286 0.70 6.09 7.90
CA LEU B 286 1.82 6.74 8.56
C LEU B 286 2.55 7.67 7.60
N CYS B 287 2.55 8.96 7.91
CA CYS B 287 3.13 10.00 7.05
C CYS B 287 4.04 10.85 7.93
N GLY B 288 5.31 10.46 8.01
CA GLY B 288 6.27 11.13 8.86
C GLY B 288 7.53 11.52 8.10
N GLY B 289 8.45 12.15 8.83
CA GLY B 289 9.69 12.61 8.27
C GLY B 289 10.74 11.52 8.20
N PRO B 290 11.93 11.88 7.75
CA PRO B 290 13.01 10.90 7.65
C PRO B 290 13.43 10.31 8.98
N ASN B 291 13.15 11.00 10.09
CA ASN B 291 13.53 10.50 11.40
C ASN B 291 12.79 9.22 11.79
N LEU B 292 11.71 8.89 11.10
CA LEU B 292 10.97 7.67 11.39
C LEU B 292 11.86 6.45 11.17
N THR B 293 11.75 5.47 12.08
CA THR B 293 12.53 4.26 12.00
C THR B 293 11.65 3.08 11.63
N ILE B 294 12.29 2.02 11.14
CA ILE B 294 11.55 0.82 10.73
C ILE B 294 10.87 0.18 11.92
N LYS B 295 11.54 0.19 13.08
CA LYS B 295 10.95 -0.36 14.29
C LYS B 295 9.69 0.41 14.66
N HIS B 296 9.72 1.74 14.56
CA HIS B 296 8.54 2.54 14.89
C HIS B 296 7.38 2.25 13.95
N ALA B 297 7.66 2.13 12.64
CA ALA B 297 6.60 1.83 11.68
C ALA B 297 6.00 0.45 11.94
N GLU B 298 6.86 -0.55 12.18
CA GLU B 298 6.37 -1.89 12.46
C GLU B 298 5.54 -1.92 13.74
N GLU B 299 5.98 -1.17 14.77
CA GLU B 299 5.22 -1.10 16.01
C GLU B 299 3.88 -0.41 15.80
N ALA B 300 3.86 0.64 15.00
CA ALA B 300 2.60 1.34 14.70
C ALA B 300 1.63 0.41 13.98
N ILE B 301 2.12 -0.38 13.03
CA ILE B 301 1.26 -1.34 12.35
C ILE B 301 0.77 -2.40 13.34
N ARG B 302 1.65 -2.91 14.18
CA ARG B 302 1.28 -3.96 15.12
C ARG B 302 0.28 -3.47 16.16
N CYS B 303 0.32 -2.18 16.49
CA CYS B 303 -0.63 -1.64 17.46
C CYS B 303 -2.06 -1.82 17.00
N VAL B 304 -2.36 -1.45 15.75
CA VAL B 304 -3.70 -1.68 15.22
C VAL B 304 -3.92 -3.15 14.90
N ALA B 305 -2.85 -3.88 14.57
CA ALA B 305 -3.01 -5.30 14.26
C ALA B 305 -3.43 -6.12 15.48
N LYS B 306 -3.01 -5.71 16.67
CA LYS B 306 -3.30 -6.46 17.89
C LYS B 306 -4.63 -6.09 18.53
N LYS B 307 -5.30 -5.04 18.06
CA LYS B 307 -6.55 -4.58 18.67
C LYS B 307 -7.77 -4.88 17.80
N ILE B 308 -7.62 -5.68 16.75
CA ILE B 308 -8.73 -6.03 15.89
C ILE B 308 -8.75 -7.53 15.67
N ARG B 309 -9.63 -8.01 14.80
CA ARG B 309 -9.74 -9.43 14.54
C ARG B 309 -8.42 -9.99 14.01
N GLU B 310 -8.13 -11.23 14.39
CA GLU B 310 -6.89 -11.87 13.95
C GLU B 310 -6.85 -12.01 12.42
N ASP B 311 -8.01 -12.28 11.82
CA ASP B 311 -8.11 -12.46 10.38
C ASP B 311 -8.37 -11.14 9.64
N ALA B 312 -8.03 -10.01 10.24
CA ALA B 312 -8.27 -8.72 9.60
C ALA B 312 -7.31 -8.50 8.45
N GLU B 313 -7.64 -7.53 7.61
CA GLU B 313 -6.87 -7.20 6.41
C GLU B 313 -6.31 -5.79 6.55
N ILE B 314 -5.01 -5.65 6.30
CA ILE B 314 -4.31 -4.38 6.44
C ILE B 314 -3.83 -3.95 5.07
N ILE B 315 -4.16 -2.71 4.69
CA ILE B 315 -3.84 -2.16 3.38
C ILE B 315 -3.01 -0.90 3.59
N TRP B 316 -2.16 -0.93 4.62
CA TRP B 316 -1.37 0.22 5.06
C TRP B 316 -0.56 0.87 3.95
N GLY B 317 -0.12 2.11 4.19
CA GLY B 317 0.76 2.82 3.29
C GLY B 317 1.50 3.89 4.04
N VAL B 318 2.62 4.34 3.46
CA VAL B 318 3.49 5.32 4.10
C VAL B 318 3.94 6.36 3.09
N ILE B 319 3.92 7.62 3.52
CA ILE B 319 4.45 8.74 2.75
C ILE B 319 5.59 9.36 3.56
N ILE B 320 6.71 9.63 2.90
CA ILE B 320 7.91 10.14 3.55
C ILE B 320 8.29 11.46 2.89
N ASP B 321 8.48 12.50 3.70
CA ASP B 321 8.89 13.81 3.23
C ASP B 321 9.86 14.43 4.21
N GLN B 322 10.65 15.38 3.73
CA GLN B 322 11.70 16.02 4.53
C GLN B 322 11.28 17.38 5.05
N ASP B 323 10.00 17.56 5.40
CA ASP B 323 9.49 18.85 5.84
C ASP B 323 8.88 18.84 7.24
N MET B 324 8.56 17.67 7.79
CA MET B 324 7.91 17.58 9.10
C MET B 324 8.81 17.09 10.21
N GLY B 325 9.91 16.42 9.88
CA GLY B 325 10.83 15.97 10.91
C GLY B 325 10.19 14.96 11.85
N LYS B 326 10.27 15.25 13.15
CA LYS B 326 9.80 14.32 14.17
C LYS B 326 8.28 14.11 14.08
N LEU B 327 7.54 15.16 13.76
CA LEU B 327 6.09 15.08 13.75
C LEU B 327 5.61 14.15 12.64
N THR B 328 4.79 13.16 13.01
CA THR B 328 4.24 12.21 12.06
C THR B 328 2.73 12.15 12.23
N ARG B 329 1.99 12.31 11.13
CA ARG B 329 0.56 12.14 11.14
C ARG B 329 0.20 10.68 10.94
N ALA B 330 -1.08 10.36 11.12
CA ALA B 330 -1.53 8.98 11.00
C ALA B 330 -3.02 8.98 10.65
N THR B 331 -3.35 8.63 9.42
CA THR B 331 -4.73 8.49 8.98
C THR B 331 -5.14 7.03 9.10
N VAL B 332 -6.22 6.78 9.85
CA VAL B 332 -6.66 5.43 10.15
C VAL B 332 -8.13 5.27 9.77
N ILE B 333 -8.45 4.16 9.13
CA ILE B 333 -9.82 3.83 8.73
C ILE B 333 -10.10 2.38 9.08
N LEU B 334 -11.22 2.13 9.76
CA LEU B 334 -11.66 0.81 10.13
C LEU B 334 -12.95 0.47 9.40
N SER B 335 -13.53 -0.70 9.72
CA SER B 335 -14.78 -1.13 9.14
C SER B 335 -15.41 -2.24 9.98
N LYS C 37 21.51 -10.52 -23.19
CA LYS C 37 21.21 -9.24 -22.58
C LYS C 37 20.72 -9.39 -21.15
N ILE C 38 20.70 -8.28 -20.41
CA ILE C 38 20.25 -8.24 -19.02
C ILE C 38 19.08 -7.28 -18.95
N THR C 39 17.91 -7.80 -18.58
CA THR C 39 16.72 -6.99 -18.40
C THR C 39 16.15 -7.28 -17.01
N VAL C 40 15.85 -6.22 -16.25
CA VAL C 40 15.22 -6.37 -14.95
C VAL C 40 13.89 -5.63 -15.00
N ILE C 41 12.81 -6.34 -14.69
CA ILE C 41 11.47 -5.78 -14.70
C ILE C 41 10.91 -5.85 -13.29
N GLY C 42 10.08 -4.88 -12.96
CA GLY C 42 9.49 -4.79 -11.65
C GLY C 42 7.98 -4.70 -11.70
N VAL C 43 7.31 -5.60 -10.99
CA VAL C 43 5.85 -5.66 -10.96
C VAL C 43 5.38 -5.38 -9.55
N GLY C 44 4.55 -4.36 -9.38
CA GLY C 44 4.07 -3.94 -8.08
C GLY C 44 4.81 -2.70 -7.58
N GLY C 45 4.30 -2.16 -6.47
CA GLY C 45 4.95 -1.01 -5.86
C GLY C 45 6.36 -1.31 -5.40
N ALA C 46 6.58 -2.48 -4.80
CA ALA C 46 7.92 -2.88 -4.39
C ALA C 46 8.83 -3.03 -5.60
N GLY C 47 8.32 -3.62 -6.68
CA GLY C 47 9.12 -3.72 -7.90
C GLY C 47 9.49 -2.36 -8.45
N ASN C 48 8.54 -1.42 -8.44
CA ASN C 48 8.85 -0.07 -8.90
C ASN C 48 9.89 0.60 -8.03
N ASN C 49 9.78 0.43 -6.71
CA ASN C 49 10.78 0.99 -5.80
C ASN C 49 12.17 0.40 -6.06
N THR C 50 12.23 -0.92 -6.25
CA THR C 50 13.52 -1.56 -6.54
C THR C 50 14.10 -1.07 -7.85
N ILE C 51 13.27 -0.93 -8.89
CA ILE C 51 13.74 -0.43 -10.18
C ILE C 51 14.24 1.00 -10.05
N THR C 52 13.51 1.84 -9.31
CA THR C 52 13.91 3.23 -9.13
C THR C 52 15.25 3.31 -8.40
N ARG C 53 15.41 2.52 -7.34
CA ARG C 53 16.66 2.54 -6.58
C ARG C 53 17.83 2.04 -7.43
N LEU C 54 17.60 0.96 -8.19
CA LEU C 54 18.66 0.43 -9.05
C LEU C 54 19.05 1.43 -10.12
N LYS C 55 18.07 2.12 -10.72
CA LYS C 55 18.39 3.15 -11.70
C LYS C 55 19.13 4.32 -11.07
N MET C 56 18.74 4.70 -9.85
CA MET C 56 19.40 5.79 -9.16
C MET C 56 20.87 5.46 -8.89
N GLU C 57 21.15 4.22 -8.46
CA GLU C 57 22.54 3.85 -8.20
C GLU C 57 23.31 3.63 -9.50
N GLY C 58 22.63 3.21 -10.57
CA GLY C 58 23.27 3.04 -11.86
C GLY C 58 23.83 1.65 -12.09
N VAL C 59 23.42 1.01 -13.17
CA VAL C 59 23.90 -0.33 -13.53
C VAL C 59 24.31 -0.33 -14.99
N GLU C 60 25.46 -0.93 -15.28
CA GLU C 60 25.98 -1.00 -16.64
C GLU C 60 25.59 -2.32 -17.28
N GLY C 61 25.16 -2.26 -18.53
CA GLY C 61 24.81 -3.46 -19.27
C GLY C 61 23.47 -4.06 -18.93
N ALA C 62 22.56 -3.30 -18.34
CA ALA C 62 21.24 -3.79 -17.97
C ALA C 62 20.19 -2.76 -18.34
N THR C 63 18.97 -3.25 -18.60
CA THR C 63 17.84 -2.40 -18.91
C THR C 63 16.77 -2.56 -17.83
N THR C 64 15.99 -1.50 -17.62
CA THR C 64 15.00 -1.45 -16.56
C THR C 64 13.61 -1.29 -17.14
N VAL C 65 12.67 -2.13 -16.69
CA VAL C 65 11.28 -2.09 -17.12
C VAL C 65 10.40 -2.12 -15.88
N ALA C 66 9.35 -1.29 -15.86
CA ALA C 66 8.40 -1.24 -14.77
C ALA C 66 7.00 -1.50 -15.30
N VAL C 67 6.30 -2.46 -14.69
CA VAL C 67 4.92 -2.79 -15.06
C VAL C 67 4.07 -2.73 -13.80
N ASN C 68 3.10 -1.81 -13.78
CA ASN C 68 2.20 -1.67 -12.64
C ASN C 68 0.97 -0.92 -13.11
N THR C 69 -0.22 -1.45 -12.77
CA THR C 69 -1.46 -0.82 -13.22
C THR C 69 -1.66 0.57 -12.63
N ASP C 70 -1.11 0.81 -11.45
CA ASP C 70 -1.25 2.11 -10.79
C ASP C 70 -0.42 3.14 -11.54
N ALA C 71 -1.08 3.95 -12.36
CA ALA C 71 -0.39 4.99 -13.11
C ALA C 71 0.22 6.06 -12.21
N GLN C 72 -0.31 6.23 -10.99
CA GLN C 72 0.26 7.20 -10.06
C GLN C 72 1.70 6.83 -9.70
N GLY C 73 1.95 5.54 -9.46
CA GLY C 73 3.31 5.11 -9.18
C GLY C 73 4.22 5.27 -10.38
N LEU C 74 3.73 4.92 -11.57
CA LEU C 74 4.54 5.04 -12.78
C LEU C 74 4.88 6.48 -13.09
N LEU C 75 3.99 7.42 -12.75
CA LEU C 75 4.25 8.83 -13.04
C LEU C 75 5.48 9.33 -12.29
N HIS C 76 5.72 8.83 -11.07
CA HIS C 76 6.83 9.28 -10.25
C HIS C 76 7.99 8.30 -10.20
N THR C 77 7.87 7.12 -10.79
CA THR C 77 8.95 6.16 -10.80
C THR C 77 10.04 6.61 -11.78
N ILE C 78 11.22 6.01 -11.63
CA ILE C 78 12.37 6.31 -12.48
C ILE C 78 12.77 5.02 -13.19
N SER C 79 12.63 5.01 -14.51
CA SER C 79 12.98 3.85 -15.33
C SER C 79 13.11 4.32 -16.78
N ASP C 80 13.21 3.38 -17.70
CA ASP C 80 13.33 3.68 -19.12
C ASP C 80 12.09 3.25 -19.89
N GLN C 81 11.67 1.99 -19.79
CA GLN C 81 10.51 1.48 -20.51
C GLN C 81 9.38 1.26 -19.52
N LYS C 82 8.38 2.13 -19.56
CA LYS C 82 7.22 2.05 -18.66
C LYS C 82 6.02 1.53 -19.45
N ILE C 83 5.42 0.45 -18.94
CA ILE C 83 4.25 -0.15 -19.55
C ILE C 83 3.12 -0.10 -18.52
N LEU C 84 2.03 0.60 -18.87
CA LEU C 84 0.89 0.75 -17.96
C LEU C 84 -0.02 -0.46 -18.13
N LEU C 85 0.11 -1.42 -17.21
CA LEU C 85 -0.69 -2.63 -17.28
C LEU C 85 -2.16 -2.34 -17.00
N GLY C 86 -3.04 -3.10 -17.65
CA GLY C 86 -4.45 -3.01 -17.39
C GLY C 86 -5.07 -1.65 -17.67
N LYS C 87 -4.77 -1.09 -18.85
CA LYS C 87 -5.26 0.24 -19.18
C LYS C 87 -6.78 0.34 -19.19
N GLN C 88 -7.48 -0.78 -19.38
CA GLN C 88 -8.94 -0.78 -19.44
C GLN C 88 -9.57 -1.22 -18.13
N LEU C 89 -9.23 -2.43 -17.66
CA LEU C 89 -9.89 -2.97 -16.47
C LEU C 89 -9.56 -2.15 -15.23
N THR C 90 -8.30 -1.73 -15.09
CA THR C 90 -7.88 -1.00 -13.89
C THR C 90 -8.06 0.51 -14.02
N LYS C 91 -7.97 1.05 -15.25
CA LYS C 91 -8.10 2.46 -15.56
C LYS C 91 -6.93 3.28 -15.04
N GLY C 92 -6.00 2.68 -14.32
CA GLY C 92 -4.84 3.39 -13.80
C GLY C 92 -4.92 3.81 -12.36
N LEU C 93 -5.98 3.45 -11.64
CA LEU C 93 -6.09 3.81 -10.23
C LEU C 93 -5.30 2.84 -9.36
N GLY C 94 -5.65 1.56 -9.41
CA GLY C 94 -4.95 0.56 -8.62
C GLY C 94 -5.68 -0.75 -8.65
N ALA C 95 -5.01 -1.76 -8.08
CA ALA C 95 -5.55 -3.11 -8.07
C ALA C 95 -6.15 -3.53 -6.73
N GLY C 96 -5.60 -3.04 -5.62
CA GLY C 96 -6.07 -3.46 -4.33
C GLY C 96 -5.64 -4.89 -4.02
N ASN C 97 -6.27 -5.44 -2.98
CA ASN C 97 -6.01 -6.82 -2.56
C ASN C 97 -6.86 -7.79 -3.39
N ASP C 98 -6.48 -7.92 -4.66
CA ASP C 98 -7.17 -8.81 -5.58
C ASP C 98 -6.19 -9.30 -6.62
N PRO C 99 -5.53 -10.43 -6.38
CA PRO C 99 -4.61 -10.98 -7.39
C PRO C 99 -5.30 -11.34 -8.69
N LYS C 100 -6.60 -11.68 -8.65
CA LYS C 100 -7.31 -12.02 -9.88
C LYS C 100 -7.43 -10.80 -10.79
N ILE C 101 -7.65 -9.61 -10.21
CA ILE C 101 -7.70 -8.39 -11.01
C ILE C 101 -6.37 -8.15 -11.68
N GLY C 102 -5.26 -8.34 -10.96
CA GLY C 102 -3.95 -8.20 -11.56
C GLY C 102 -3.70 -9.21 -12.67
N GLU C 103 -4.16 -10.44 -12.46
CA GLU C 103 -4.02 -11.47 -13.48
C GLU C 103 -4.77 -11.08 -14.75
N ALA C 104 -6.02 -10.62 -14.59
CA ALA C 104 -6.81 -10.20 -15.75
C ALA C 104 -6.16 -9.01 -16.44
N ALA C 105 -5.65 -8.04 -15.67
CA ALA C 105 -5.00 -6.88 -16.26
C ALA C 105 -3.76 -7.29 -17.04
N ALA C 106 -2.97 -8.22 -16.50
CA ALA C 106 -1.80 -8.72 -17.21
C ALA C 106 -2.20 -9.42 -18.50
N LYS C 107 -3.25 -10.24 -18.45
CA LYS C 107 -3.73 -10.90 -19.66
C LYS C 107 -4.26 -9.91 -20.69
N GLU C 108 -4.73 -8.75 -20.23
CA GLU C 108 -5.25 -7.75 -21.17
C GLU C 108 -4.16 -7.19 -22.07
N ALA C 109 -2.97 -6.93 -21.51
CA ALA C 109 -1.90 -6.23 -22.21
C ALA C 109 -0.69 -7.12 -22.45
N ILE C 110 -0.93 -8.35 -22.89
CA ILE C 110 0.18 -9.28 -23.18
C ILE C 110 0.95 -8.82 -24.41
N GLU C 111 0.25 -8.32 -25.43
CA GLU C 111 0.88 -8.05 -26.71
C GLU C 111 1.98 -7.01 -26.58
N GLU C 112 1.70 -5.87 -25.96
CA GLU C 112 2.72 -4.83 -25.82
C GLU C 112 3.77 -5.18 -24.78
N LEU C 113 3.56 -6.24 -24.00
CA LEU C 113 4.51 -6.65 -22.97
C LEU C 113 5.51 -7.69 -23.44
N ARG C 114 5.09 -8.62 -24.30
CA ARG C 114 5.97 -9.68 -24.77
C ARG C 114 7.18 -9.15 -25.51
N GLU C 115 7.09 -7.96 -26.09
CA GLU C 115 8.19 -7.43 -26.90
C GLU C 115 9.46 -7.25 -26.09
N VAL C 116 9.33 -6.73 -24.86
CA VAL C 116 10.51 -6.44 -24.05
C VAL C 116 11.06 -7.68 -23.34
N VAL C 117 10.25 -8.72 -23.18
CA VAL C 117 10.70 -9.91 -22.48
C VAL C 117 11.69 -10.73 -23.32
N LYS C 118 11.79 -10.44 -24.62
CA LYS C 118 12.68 -11.20 -25.50
C LYS C 118 14.13 -10.82 -25.27
N SER C 119 14.81 -11.53 -24.37
CA SER C 119 16.21 -11.30 -24.05
C SER C 119 16.79 -12.61 -23.52
N ASP C 120 17.99 -12.53 -22.93
CA ASP C 120 18.66 -13.70 -22.38
C ASP C 120 18.40 -13.86 -20.88
N MET C 121 18.74 -12.84 -20.10
CA MET C 121 18.61 -12.89 -18.65
C MET C 121 17.56 -11.89 -18.20
N ILE C 122 16.59 -12.35 -17.41
CA ILE C 122 15.49 -11.52 -16.94
C ILE C 122 15.39 -11.65 -15.42
N PHE C 123 15.23 -10.50 -14.76
CA PHE C 123 15.09 -10.41 -13.30
C PHE C 123 13.72 -9.80 -12.99
N ILE C 124 12.76 -10.65 -12.63
CA ILE C 124 11.42 -10.21 -12.27
C ILE C 124 11.38 -9.97 -10.76
N THR C 125 11.26 -8.70 -10.36
CA THR C 125 11.22 -8.35 -8.96
C THR C 125 9.83 -7.87 -8.56
N CYS C 126 9.35 -8.36 -7.42
CA CYS C 126 7.99 -8.04 -7.01
C CYS C 126 7.85 -8.11 -5.50
N GLY C 127 6.83 -7.41 -5.00
CA GLY C 127 6.42 -7.51 -3.61
C GLY C 127 5.12 -8.27 -3.49
N LEU C 128 5.17 -9.46 -2.90
CA LEU C 128 3.99 -10.31 -2.82
C LEU C 128 2.93 -9.69 -1.93
N GLY C 129 1.68 -10.03 -2.22
CA GLY C 129 0.54 -9.53 -1.45
C GLY C 129 -0.35 -8.59 -2.22
N GLY C 130 0.24 -7.79 -3.11
CA GLY C 130 -0.52 -6.81 -3.86
C GLY C 130 -1.26 -7.39 -5.05
N GLY C 131 -2.17 -6.59 -5.60
CA GLY C 131 -2.89 -7.01 -6.79
C GLY C 131 -2.00 -7.16 -8.01
N THR C 132 -1.10 -6.20 -8.22
CA THR C 132 -0.16 -6.24 -9.32
C THR C 132 1.13 -6.97 -8.95
N GLY C 133 1.12 -7.71 -7.87
CA GLY C 133 2.29 -8.45 -7.42
C GLY C 133 2.15 -9.94 -7.69
N THR C 134 1.69 -10.67 -6.67
CA THR C 134 1.47 -12.11 -6.80
C THR C 134 0.50 -12.45 -7.93
N GLY C 135 -0.40 -11.54 -8.29
CA GLY C 135 -1.31 -11.80 -9.38
C GLY C 135 -0.76 -11.50 -10.76
N ALA C 136 0.40 -10.84 -10.85
CA ALA C 136 0.98 -10.49 -12.13
C ALA C 136 2.37 -11.08 -12.35
N ALA C 137 2.96 -11.71 -11.34
CA ALA C 137 4.29 -12.29 -11.49
C ALA C 137 4.27 -13.63 -12.24
N PRO C 138 3.40 -14.59 -11.88
CA PRO C 138 3.42 -15.87 -12.59
C PRO C 138 3.13 -15.77 -14.08
N VAL C 139 2.27 -14.85 -14.49
CA VAL C 139 1.92 -14.75 -15.90
C VAL C 139 3.11 -14.24 -16.71
N ILE C 140 3.78 -13.20 -16.22
CA ILE C 140 4.95 -12.69 -16.93
C ILE C 140 6.10 -13.68 -16.86
N ALA C 141 6.23 -14.40 -15.75
CA ALA C 141 7.23 -15.47 -15.67
C ALA C 141 6.95 -16.56 -16.68
N GLU C 142 5.67 -16.94 -16.85
CA GLU C 142 5.31 -17.92 -17.86
C GLU C 142 5.61 -17.42 -19.26
N LEU C 143 5.32 -16.15 -19.52
CA LEU C 143 5.63 -15.55 -20.82
C LEU C 143 7.14 -15.58 -21.09
N ALA C 144 7.94 -15.27 -20.06
CA ALA C 144 9.39 -15.34 -20.21
C ALA C 144 9.85 -16.77 -20.45
N LYS C 145 9.26 -17.73 -19.74
CA LYS C 145 9.66 -19.13 -19.90
C LYS C 145 9.33 -19.64 -21.30
N GLU C 146 8.17 -19.26 -21.85
CA GLU C 146 7.89 -19.61 -23.23
C GLU C 146 8.49 -18.57 -24.18
N GLU C 147 9.74 -18.21 -23.94
CA GLU C 147 10.48 -17.33 -24.83
C GLU C 147 11.94 -17.76 -24.95
N LYS C 148 12.32 -18.88 -24.36
CA LYS C 148 13.70 -19.38 -24.36
C LYS C 148 14.66 -18.37 -23.74
N ALA C 149 14.42 -18.08 -22.47
CA ALA C 149 15.25 -17.17 -21.70
C ALA C 149 15.41 -17.69 -20.28
N LEU C 150 16.53 -17.32 -19.66
CA LEU C 150 16.78 -17.71 -18.27
C LEU C 150 16.06 -16.75 -17.34
N THR C 151 15.29 -17.30 -16.39
CA THR C 151 14.41 -16.51 -15.55
C THR C 151 14.91 -16.52 -14.11
N VAL C 152 15.08 -15.33 -13.54
CA VAL C 152 15.41 -15.17 -12.13
C VAL C 152 14.40 -14.21 -11.53
N SER C 153 13.75 -14.61 -10.45
CA SER C 153 12.76 -13.79 -9.78
C SER C 153 13.22 -13.46 -8.37
N ILE C 154 12.96 -12.24 -7.93
CA ILE C 154 13.23 -11.80 -6.57
C ILE C 154 11.94 -11.26 -5.98
N VAL C 155 11.48 -11.88 -4.89
CA VAL C 155 10.23 -11.49 -4.25
C VAL C 155 10.54 -10.97 -2.86
N THR C 156 9.71 -10.04 -2.39
CA THR C 156 9.82 -9.51 -1.04
C THR C 156 8.56 -9.90 -0.27
N LEU C 157 8.73 -10.64 0.82
CA LEU C 157 7.60 -11.05 1.63
C LEU C 157 7.08 -9.86 2.45
N PRO C 158 5.79 -9.87 2.79
CA PRO C 158 5.25 -8.80 3.62
C PRO C 158 5.64 -8.98 5.08
N PHE C 159 5.44 -7.91 5.86
CA PHE C 159 5.68 -7.98 7.29
C PHE C 159 4.76 -9.00 7.94
N LYS C 160 5.28 -9.69 8.94
CA LYS C 160 4.51 -10.74 9.62
C LYS C 160 3.26 -10.15 10.28
N ALA C 161 3.40 -8.99 10.91
CA ALA C 161 2.28 -8.35 11.63
C ALA C 161 1.47 -7.48 10.68
N GLU C 162 0.92 -8.12 9.64
CA GLU C 162 0.06 -7.43 8.68
C GLU C 162 -1.18 -8.27 8.35
N GLY C 163 -1.59 -9.14 9.27
CA GLY C 163 -2.78 -9.95 9.07
C GLY C 163 -2.50 -11.23 8.28
N VAL C 164 -3.43 -12.17 8.38
CA VAL C 164 -3.30 -13.43 7.68
C VAL C 164 -3.59 -13.27 6.18
N LYS C 165 -4.26 -12.20 5.78
CA LYS C 165 -4.56 -11.99 4.36
C LYS C 165 -3.28 -11.82 3.56
N ARG C 166 -2.42 -10.89 3.99
CA ARG C 166 -1.18 -10.65 3.26
C ARG C 166 -0.27 -11.87 3.27
N GLU C 167 -0.18 -12.56 4.41
CA GLU C 167 0.70 -13.73 4.52
C GLU C 167 0.23 -14.86 3.61
N ALA C 168 -1.07 -15.17 3.65
CA ALA C 168 -1.60 -16.24 2.81
C ALA C 168 -1.50 -15.88 1.34
N ASN C 169 -1.78 -14.62 1.00
CA ASN C 169 -1.69 -14.18 -0.39
C ASN C 169 -0.25 -14.29 -0.89
N ALA C 170 0.71 -13.88 -0.06
CA ALA C 170 2.11 -14.00 -0.44
C ALA C 170 2.55 -15.45 -0.58
N ARG C 171 2.08 -16.32 0.31
CA ARG C 171 2.41 -17.73 0.20
C ARG C 171 1.87 -18.32 -1.10
N TRP C 172 0.62 -17.98 -1.44
CA TRP C 172 0.05 -18.46 -2.69
C TRP C 172 0.83 -17.94 -3.89
N GLY C 173 1.21 -16.66 -3.87
CA GLY C 173 1.99 -16.10 -4.96
C GLY C 173 3.34 -16.77 -5.12
N LEU C 174 4.03 -17.00 -4.00
CA LEU C 174 5.32 -17.67 -4.05
C LEU C 174 5.19 -19.10 -4.57
N GLU C 175 4.16 -19.81 -4.12
CA GLU C 175 3.96 -21.18 -4.60
C GLU C 175 3.64 -21.21 -6.09
N GLN C 176 2.83 -20.27 -6.57
CA GLN C 176 2.49 -20.24 -7.98
C GLN C 176 3.60 -19.64 -8.84
N LEU C 177 4.58 -18.98 -8.24
CA LEU C 177 5.71 -18.47 -9.00
C LEU C 177 6.87 -19.46 -9.07
N LEU C 178 7.14 -20.18 -7.98
CA LEU C 178 8.25 -21.14 -7.99
C LEU C 178 8.01 -22.26 -9.00
N LYS C 179 6.74 -22.61 -9.23
CA LYS C 179 6.43 -23.63 -10.24
C LYS C 179 6.86 -23.18 -11.64
N VAL C 180 6.59 -21.92 -11.98
CA VAL C 180 6.88 -21.43 -13.32
C VAL C 180 8.33 -20.99 -13.44
N CYS C 181 8.73 -20.02 -12.62
CA CYS C 181 10.09 -19.52 -12.66
C CYS C 181 11.07 -20.59 -12.19
N ASP C 182 12.32 -20.46 -12.65
CA ASP C 182 13.33 -21.47 -12.39
C ASP C 182 14.19 -21.18 -11.16
N SER C 183 14.27 -19.92 -10.73
CA SER C 183 15.11 -19.57 -9.58
C SER C 183 14.50 -18.35 -8.91
N VAL C 184 13.96 -18.55 -7.71
CA VAL C 184 13.38 -17.47 -6.93
C VAL C 184 14.33 -17.11 -5.79
N ILE C 185 14.23 -15.86 -5.34
CA ILE C 185 15.00 -15.36 -4.21
C ILE C 185 14.03 -14.67 -3.27
N VAL C 186 13.91 -15.19 -2.05
CA VAL C 186 12.92 -14.73 -1.08
C VAL C 186 13.66 -14.10 0.09
N ILE C 187 13.37 -12.84 0.35
CA ILE C 187 13.92 -12.11 1.50
C ILE C 187 12.75 -11.62 2.35
N PRO C 188 12.48 -12.29 3.48
CA PRO C 188 11.41 -11.81 4.36
C PRO C 188 11.70 -10.41 4.87
N ASN C 189 10.65 -9.60 4.94
CA ASN C 189 10.83 -8.19 5.28
C ASN C 189 11.15 -7.99 6.76
N ASP C 190 10.71 -8.90 7.62
CA ASP C 190 11.01 -8.79 9.05
C ASP C 190 12.50 -8.98 9.33
N ARG C 191 13.26 -9.49 8.36
CA ARG C 191 14.71 -9.55 8.51
C ARG C 191 15.31 -8.15 8.64
N ILE C 192 14.78 -7.19 7.87
CA ILE C 192 15.22 -5.81 8.01
C ILE C 192 14.93 -5.29 9.40
N LEU C 193 13.75 -5.64 9.95
CA LEU C 193 13.41 -5.21 11.29
C LEU C 193 14.36 -5.79 12.32
N GLU C 194 14.68 -7.07 12.20
CA GLU C 194 15.52 -7.74 13.20
C GLU C 194 17.00 -7.68 12.86
N ILE C 195 17.40 -6.90 11.86
CA ILE C 195 18.81 -6.75 11.53
C ILE C 195 19.23 -5.30 11.65
N ALA C 196 18.58 -4.40 10.90
CA ALA C 196 19.02 -3.01 10.79
C ALA C 196 17.86 -2.04 11.00
N PRO C 197 17.50 -1.76 12.26
CA PRO C 197 16.59 -0.66 12.58
C PRO C 197 17.31 0.69 12.60
N GLU C 198 18.00 1.02 11.52
CA GLU C 198 18.93 2.14 11.50
C GLU C 198 18.29 3.43 11.02
N LEU C 199 17.76 3.43 9.80
CA LEU C 199 17.27 4.66 9.20
C LEU C 199 15.83 4.52 8.71
N SER C 200 15.36 5.50 7.95
CA SER C 200 13.99 5.50 7.44
C SER C 200 13.79 4.37 6.44
N LEU C 201 12.53 4.21 6.01
CA LEU C 201 12.20 3.17 5.05
C LEU C 201 12.93 3.37 3.73
N ASN C 202 13.25 4.62 3.38
CA ASN C 202 13.98 4.89 2.15
C ASN C 202 15.40 4.36 2.19
N GLU C 203 15.97 4.14 3.38
CA GLU C 203 17.34 3.68 3.51
C GLU C 203 17.47 2.30 4.12
N ALA C 204 16.37 1.63 4.44
CA ALA C 204 16.41 0.25 4.90
C ALA C 204 15.97 -0.74 3.84
N PHE C 205 15.07 -0.33 2.93
CA PHE C 205 14.76 -1.15 1.77
C PHE C 205 15.94 -1.22 0.80
N ARG C 206 16.85 -0.25 0.86
CA ARG C 206 18.10 -0.37 0.13
C ARG C 206 18.92 -1.56 0.62
N LEU C 207 18.87 -1.85 1.92
CA LEU C 207 19.56 -3.02 2.45
C LEU C 207 18.98 -4.31 1.89
N ALA C 208 17.68 -4.33 1.58
CA ALA C 208 17.09 -5.47 0.89
C ALA C 208 17.36 -5.44 -0.61
N ASP C 209 17.75 -4.29 -1.15
CA ASP C 209 18.12 -4.18 -2.55
C ASP C 209 19.51 -4.73 -2.82
N GLU C 210 20.32 -4.93 -1.77
CA GLU C 210 21.70 -5.36 -1.95
C GLU C 210 21.79 -6.69 -2.70
N ILE C 211 20.82 -7.58 -2.48
CA ILE C 211 20.84 -8.88 -3.14
C ILE C 211 20.74 -8.71 -4.66
N LEU C 212 19.77 -7.92 -5.11
CA LEU C 212 19.52 -7.80 -6.55
C LEU C 212 20.66 -7.06 -7.24
N ILE C 213 21.13 -5.96 -6.65
CA ILE C 213 22.22 -5.20 -7.27
C ILE C 213 23.50 -6.04 -7.28
N GLY C 214 23.76 -6.78 -6.19
CA GLY C 214 24.94 -7.63 -6.16
C GLY C 214 24.88 -8.75 -7.17
N GLY C 215 23.68 -9.32 -7.38
CA GLY C 215 23.53 -10.32 -8.41
C GLY C 215 23.75 -9.77 -9.81
N VAL C 216 23.15 -8.61 -10.10
CA VAL C 216 23.26 -8.04 -11.44
C VAL C 216 24.69 -7.62 -11.74
N LYS C 217 25.32 -6.91 -10.80
CA LYS C 217 26.73 -6.54 -10.92
C LYS C 217 27.55 -7.69 -10.34
N GLY C 218 27.93 -8.61 -11.20
CA GLY C 218 28.50 -9.87 -10.81
C GLY C 218 28.00 -10.97 -11.72
N ILE C 219 26.82 -10.76 -12.29
CA ILE C 219 26.41 -11.52 -13.47
C ILE C 219 26.83 -10.80 -14.74
N THR C 220 26.78 -9.46 -14.75
CA THR C 220 27.30 -8.71 -15.89
C THR C 220 28.83 -8.77 -15.96
N GLU C 221 29.49 -9.16 -14.88
CA GLU C 221 30.95 -9.31 -14.90
C GLU C 221 31.37 -10.58 -15.62
N LEU C 222 30.57 -11.65 -15.53
CA LEU C 222 30.89 -12.88 -16.22
C LEU C 222 30.91 -12.71 -17.73
N ILE C 223 30.13 -11.76 -18.25
CA ILE C 223 30.02 -11.56 -19.69
C ILE C 223 31.07 -10.55 -20.15
N PHE C 224 31.99 -10.20 -19.25
CA PHE C 224 33.07 -9.28 -19.54
C PHE C 224 34.37 -9.83 -18.97
N LYS C 225 35.49 -9.25 -19.44
CA LYS C 225 36.85 -9.48 -18.95
C LYS C 225 37.12 -10.96 -18.67
N PRO C 226 37.24 -11.78 -19.72
CA PRO C 226 37.49 -13.21 -19.49
C PRO C 226 38.78 -13.45 -18.72
N GLY C 227 38.75 -14.46 -17.84
CA GLY C 227 39.87 -14.78 -16.99
C GLY C 227 40.56 -16.07 -17.36
N LEU C 228 41.38 -16.57 -16.43
CA LEU C 228 42.11 -17.81 -16.66
C LEU C 228 41.17 -19.01 -16.67
N ILE C 229 40.15 -18.98 -15.83
CA ILE C 229 39.14 -20.04 -15.77
C ILE C 229 37.85 -19.45 -16.30
N ASN C 230 37.98 -18.56 -17.28
CA ASN C 230 36.89 -17.75 -17.82
C ASN C 230 35.58 -18.52 -17.95
N LEU C 231 34.51 -17.93 -17.43
CA LEU C 231 33.15 -18.44 -17.52
C LEU C 231 32.33 -17.55 -18.44
N ASP C 232 31.19 -18.08 -18.88
CA ASP C 232 30.31 -17.34 -19.78
C ASP C 232 28.87 -17.74 -19.51
N PHE C 233 27.96 -17.22 -20.33
CA PHE C 233 26.53 -17.40 -20.08
C PHE C 233 26.11 -18.86 -20.19
N ALA C 234 26.84 -19.67 -20.97
CA ALA C 234 26.50 -21.08 -21.07
C ALA C 234 26.66 -21.79 -19.72
N ASP C 235 27.65 -21.37 -18.92
CA ASP C 235 27.79 -21.93 -17.58
C ASP C 235 26.70 -21.40 -16.66
N VAL C 236 26.29 -20.14 -16.84
CA VAL C 236 25.23 -19.56 -16.02
C VAL C 236 23.92 -20.30 -16.24
N LYS C 237 23.61 -20.62 -17.50
CA LYS C 237 22.39 -21.36 -17.81
C LYS C 237 22.39 -22.74 -17.17
N LYS C 238 23.56 -23.29 -16.85
CA LYS C 238 23.64 -24.58 -16.18
C LYS C 238 23.49 -24.44 -14.67
N VAL C 239 24.04 -23.37 -14.10
CA VAL C 239 24.08 -23.22 -12.65
C VAL C 239 22.77 -22.66 -12.10
N MET C 240 22.02 -21.90 -12.90
CA MET C 240 20.83 -21.20 -12.45
C MET C 240 19.57 -21.82 -13.06
N ASN C 241 19.55 -23.15 -13.18
CA ASN C 241 18.42 -23.84 -13.79
C ASN C 241 17.96 -25.06 -13.01
N ASN C 242 18.60 -25.40 -11.89
CA ASN C 242 18.27 -26.63 -11.18
C ASN C 242 16.83 -26.60 -10.65
N LYS C 243 16.57 -25.77 -9.65
CA LYS C 243 15.24 -25.62 -9.07
C LYS C 243 15.31 -24.61 -7.92
N GLY C 244 14.14 -24.26 -7.39
CA GLY C 244 14.04 -23.67 -6.06
C GLY C 244 14.74 -22.35 -5.91
N THR C 245 15.29 -22.15 -4.72
CA THR C 245 15.82 -20.86 -4.28
C THR C 245 17.32 -20.74 -4.58
N ALA C 246 17.88 -19.58 -4.26
CA ALA C 246 19.30 -19.33 -4.44
C ALA C 246 19.72 -18.23 -3.47
N ILE C 247 21.03 -18.17 -3.21
CA ILE C 247 21.58 -17.23 -2.24
C ILE C 247 22.61 -16.32 -2.91
N ILE C 248 22.39 -15.99 -4.17
CA ILE C 248 23.39 -15.27 -4.95
C ILE C 248 23.76 -13.96 -4.28
N GLY C 249 25.00 -13.53 -4.51
CA GLY C 249 25.51 -12.29 -3.94
C GLY C 249 27.02 -12.24 -4.05
N MET C 250 27.57 -11.07 -3.70
CA MET C 250 29.00 -10.87 -3.78
C MET C 250 29.48 -10.09 -2.57
N ALA C 251 30.79 -10.15 -2.32
CA ALA C 251 31.41 -9.44 -1.22
C ALA C 251 32.88 -9.21 -1.53
N GLU C 252 33.50 -8.33 -0.76
CA GLU C 252 34.90 -7.97 -0.94
C GLU C 252 35.64 -8.12 0.38
N SER C 253 36.96 -8.29 0.28
CA SER C 253 37.82 -8.41 1.46
C SER C 253 39.19 -7.87 1.12
N ALA C 254 39.95 -7.50 2.16
CA ALA C 254 41.27 -6.94 1.97
C ALA C 254 42.31 -7.47 2.97
N SER C 255 41.97 -8.49 3.75
CA SER C 255 42.90 -9.02 4.74
C SER C 255 43.90 -9.96 4.06
N ASN C 256 44.67 -10.69 4.88
CA ASN C 256 45.62 -11.64 4.32
C ASN C 256 44.92 -12.74 3.53
N ASN C 257 43.83 -13.28 4.06
CA ASN C 257 43.01 -14.25 3.35
C ASN C 257 41.83 -13.53 2.69
N SER C 258 42.17 -12.79 1.63
CA SER C 258 41.17 -11.98 0.93
C SER C 258 40.07 -12.84 0.33
N ALA C 259 40.45 -13.85 -0.45
CA ALA C 259 39.46 -14.66 -1.15
C ALA C 259 38.56 -15.40 -0.17
N VAL C 260 39.15 -16.03 0.85
CA VAL C 260 38.37 -16.84 1.78
C VAL C 260 37.38 -15.97 2.54
N GLU C 261 37.86 -14.85 3.08
CA GLU C 261 36.98 -13.97 3.85
C GLU C 261 35.89 -13.36 2.97
N ALA C 262 36.25 -12.93 1.76
CA ALA C 262 35.25 -12.36 0.86
C ALA C 262 34.19 -13.39 0.51
N VAL C 263 34.61 -14.63 0.24
CA VAL C 263 33.65 -15.68 -0.08
C VAL C 263 32.75 -15.98 1.10
N GLU C 264 33.31 -16.03 2.31
CA GLU C 264 32.50 -16.30 3.50
C GLU C 264 31.50 -15.19 3.74
N LEU C 265 31.90 -13.93 3.52
CA LEU C 265 30.96 -12.82 3.65
C LEU C 265 29.86 -12.92 2.59
N ALA C 266 30.22 -13.30 1.35
CA ALA C 266 29.24 -13.33 0.28
C ALA C 266 28.22 -14.45 0.47
N ILE C 267 28.68 -15.63 0.86
CA ILE C 267 27.75 -16.77 0.96
C ILE C 267 26.81 -16.59 2.13
N SER C 268 27.33 -16.18 3.29
CA SER C 268 26.49 -15.95 4.46
C SER C 268 26.04 -14.50 4.57
N ASN C 269 25.44 -13.99 3.49
CA ASN C 269 24.96 -12.62 3.48
C ASN C 269 23.74 -12.49 4.38
N PRO C 270 23.55 -11.33 5.00
CA PRO C 270 22.35 -11.11 5.82
C PRO C 270 21.09 -11.12 4.96
N LEU C 271 19.95 -11.18 5.65
CA LEU C 271 18.61 -11.28 5.08
C LEU C 271 18.35 -12.64 4.42
N LEU C 272 19.33 -13.54 4.41
CA LEU C 272 19.22 -14.86 3.80
C LEU C 272 19.43 -15.89 4.90
N ASP C 273 18.36 -16.24 5.60
CA ASP C 273 18.41 -17.24 6.66
C ASP C 273 18.11 -18.64 6.17
N VAL C 274 17.92 -18.83 4.85
CA VAL C 274 17.64 -20.15 4.31
C VAL C 274 18.87 -21.03 4.48
N ASP C 275 18.66 -22.23 5.01
CA ASP C 275 19.77 -23.16 5.22
C ASP C 275 20.35 -23.61 3.88
N VAL C 276 21.67 -23.68 3.83
CA VAL C 276 22.39 -24.01 2.61
C VAL C 276 23.13 -25.34 2.73
N SER C 277 22.75 -26.17 3.71
CA SER C 277 23.37 -27.49 3.84
C SER C 277 23.08 -28.37 2.63
N LYS C 278 21.97 -28.11 1.93
CA LYS C 278 21.63 -28.82 0.70
C LYS C 278 21.70 -27.86 -0.47
N ALA C 279 22.51 -28.21 -1.47
CA ALA C 279 22.65 -27.38 -2.66
C ALA C 279 23.24 -28.24 -3.77
N SER C 280 23.03 -27.78 -5.01
CA SER C 280 23.53 -28.53 -6.16
C SER C 280 24.12 -27.61 -7.22
N ALA C 281 24.69 -26.47 -6.82
CA ALA C 281 25.24 -25.53 -7.78
C ALA C 281 26.19 -24.57 -7.07
N ALA C 282 27.03 -23.91 -7.88
CA ALA C 282 27.95 -22.88 -7.39
C ALA C 282 28.58 -22.18 -8.60
N LEU C 283 28.82 -20.88 -8.45
CA LEU C 283 29.48 -20.06 -9.46
C LEU C 283 30.50 -19.14 -8.80
N ILE C 284 31.37 -19.72 -7.97
CA ILE C 284 32.45 -18.94 -7.38
C ILE C 284 33.24 -18.24 -8.47
N ASN C 285 33.42 -16.93 -8.31
CA ASN C 285 34.02 -16.08 -9.35
C ASN C 285 35.08 -15.17 -8.74
N LEU C 286 36.03 -15.77 -8.02
CA LEU C 286 37.17 -15.04 -7.47
C LEU C 286 37.78 -14.13 -8.52
N CYS C 287 37.80 -12.84 -8.24
CA CYS C 287 38.28 -11.82 -9.17
C CYS C 287 39.35 -10.97 -8.51
N GLY C 288 40.33 -11.61 -7.88
CA GLY C 288 41.36 -10.92 -7.15
C GLY C 288 42.51 -10.49 -8.04
N GLY C 289 43.55 -9.98 -7.38
CA GLY C 289 44.72 -9.47 -8.06
C GLY C 289 45.86 -10.48 -8.11
N PRO C 290 47.03 -10.02 -8.55
CA PRO C 290 48.18 -10.94 -8.64
C PRO C 290 48.62 -11.52 -7.31
N ASN C 291 48.28 -10.87 -6.19
CA ASN C 291 48.69 -11.38 -4.88
C ASN C 291 48.03 -12.71 -4.55
N LEU C 292 46.97 -13.08 -5.26
CA LEU C 292 46.29 -14.35 -4.99
C LEU C 292 47.21 -15.51 -5.31
N THR C 293 47.18 -16.53 -4.45
CA THR C 293 48.00 -17.72 -4.59
C THR C 293 47.11 -18.94 -4.84
N ILE C 294 47.75 -20.04 -5.25
CA ILE C 294 47.02 -21.28 -5.48
C ILE C 294 46.36 -21.75 -4.19
N LYS C 295 47.10 -21.64 -3.07
CA LYS C 295 46.57 -22.07 -1.78
C LYS C 295 45.32 -21.29 -1.41
N HIS C 296 45.35 -19.96 -1.58
CA HIS C 296 44.20 -19.14 -1.21
C HIS C 296 43.00 -19.44 -2.10
N ALA C 297 43.21 -19.60 -3.40
CA ALA C 297 42.11 -19.94 -4.30
C ALA C 297 41.52 -21.30 -3.97
N GLU C 298 42.38 -22.28 -3.68
CA GLU C 298 41.88 -23.60 -3.33
C GLU C 298 41.11 -23.58 -2.02
N GLU C 299 41.57 -22.78 -1.06
CA GLU C 299 40.82 -22.63 0.19
C GLU C 299 39.47 -21.96 -0.05
N ALA C 300 39.44 -20.95 -0.94
CA ALA C 300 38.19 -20.30 -1.27
C ALA C 300 37.20 -21.26 -1.91
N ILE C 301 37.70 -22.16 -2.76
CA ILE C 301 36.83 -23.19 -3.33
C ILE C 301 36.38 -24.17 -2.25
N ARG C 302 37.30 -24.59 -1.40
CA ARG C 302 37.02 -25.65 -0.42
C ARG C 302 36.03 -25.20 0.64
N CYS C 303 36.10 -23.93 1.05
CA CYS C 303 35.18 -23.46 2.09
C CYS C 303 33.74 -23.51 1.61
N VAL C 304 33.49 -23.20 0.34
CA VAL C 304 32.17 -23.41 -0.23
C VAL C 304 31.87 -24.89 -0.38
N ALA C 305 32.86 -25.68 -0.85
CA ALA C 305 32.63 -27.10 -1.09
C ALA C 305 32.33 -27.87 0.18
N LYS C 306 32.66 -27.32 1.35
CA LYS C 306 32.39 -28.00 2.61
C LYS C 306 31.11 -27.52 3.29
N LYS C 307 30.60 -26.35 2.91
CA LYS C 307 29.40 -25.79 3.53
C LYS C 307 28.12 -26.16 2.82
N ILE C 308 28.20 -26.94 1.73
CA ILE C 308 27.02 -27.30 0.96
C ILE C 308 26.90 -28.82 0.91
N ARG C 309 25.91 -29.31 0.16
CA ARG C 309 25.70 -30.74 0.01
C ARG C 309 26.97 -31.42 -0.50
N GLU C 310 27.26 -32.60 0.05
CA GLU C 310 28.54 -33.26 -0.19
C GLU C 310 28.82 -33.42 -1.68
N ASP C 311 27.87 -33.98 -2.41
CA ASP C 311 27.98 -34.02 -3.87
C ASP C 311 27.48 -32.71 -4.45
N ALA C 312 28.29 -32.09 -5.31
CA ALA C 312 27.98 -30.77 -5.84
C ALA C 312 28.69 -30.59 -7.16
N GLU C 313 28.27 -29.57 -7.90
CA GLU C 313 28.79 -29.27 -9.24
C GLU C 313 29.32 -27.84 -9.23
N ILE C 314 30.59 -27.69 -8.87
CA ILE C 314 31.21 -26.37 -8.82
C ILE C 314 31.59 -25.95 -10.23
N ILE C 315 31.24 -24.70 -10.59
CA ILE C 315 31.50 -24.15 -11.91
C ILE C 315 32.42 -22.96 -11.76
N TRP C 316 33.35 -23.04 -10.81
CA TRP C 316 34.18 -21.90 -10.42
C TRP C 316 34.93 -21.29 -11.60
N GLY C 317 35.38 -20.06 -11.40
CA GLY C 317 36.20 -19.36 -12.38
C GLY C 317 36.91 -18.20 -11.72
N VAL C 318 38.01 -17.79 -12.33
CA VAL C 318 38.89 -16.77 -11.75
C VAL C 318 39.28 -15.77 -12.83
N ILE C 319 39.24 -14.48 -12.47
CA ILE C 319 39.72 -13.39 -13.31
C ILE C 319 40.85 -12.70 -12.57
N ILE C 320 41.96 -12.46 -13.26
CA ILE C 320 43.15 -11.88 -12.65
C ILE C 320 43.52 -10.61 -13.42
N ASP C 321 43.67 -9.50 -12.70
CA ASP C 321 44.08 -8.24 -13.29
C ASP C 321 45.03 -7.53 -12.34
N GLN C 322 45.94 -6.73 -12.91
CA GLN C 322 46.92 -5.98 -12.12
C GLN C 322 46.42 -4.58 -11.77
N ASP C 323 45.22 -4.51 -11.20
CA ASP C 323 44.66 -3.21 -10.80
C ASP C 323 44.01 -3.20 -9.42
N MET C 324 43.59 -4.34 -8.88
CA MET C 324 42.87 -4.38 -7.62
C MET C 324 43.75 -4.63 -6.41
N GLY C 325 45.06 -4.78 -6.61
CA GLY C 325 45.97 -5.02 -5.51
C GLY C 325 45.70 -6.29 -4.75
N LYS C 326 45.19 -6.16 -3.52
CA LYS C 326 44.92 -7.30 -2.66
C LYS C 326 43.43 -7.64 -2.55
N LEU C 327 42.55 -6.71 -2.93
CA LEU C 327 41.12 -6.96 -2.83
C LEU C 327 40.68 -8.06 -3.79
N THR C 328 39.75 -8.90 -3.34
CA THR C 328 39.23 -10.02 -4.12
C THR C 328 37.71 -10.02 -4.02
N ARG C 329 37.03 -9.80 -5.14
CA ARG C 329 35.58 -9.92 -5.14
C ARG C 329 35.16 -11.38 -5.16
N ALA C 330 33.98 -11.67 -4.64
CA ALA C 330 33.55 -13.02 -4.34
C ALA C 330 32.14 -13.29 -4.86
N THR C 331 31.90 -12.96 -6.12
CA THR C 331 30.59 -13.24 -6.72
C THR C 331 30.26 -14.72 -6.63
N VAL C 332 29.06 -15.03 -6.15
CA VAL C 332 28.59 -16.39 -5.97
C VAL C 332 27.13 -16.45 -6.41
N ILE C 333 26.78 -17.51 -7.15
CA ILE C 333 25.43 -17.69 -7.65
C ILE C 333 24.89 -19.01 -7.10
N LEU C 334 25.29 -19.35 -5.87
CA LEU C 334 24.91 -20.62 -5.25
C LEU C 334 23.40 -20.80 -5.27
N SER C 335 22.97 -22.01 -5.66
CA SER C 335 21.54 -22.33 -5.75
C SER C 335 21.28 -23.76 -5.28
N LYS D 37 56.46 -33.28 -39.00
CA LYS D 37 56.11 -31.99 -38.42
C LYS D 37 55.63 -32.14 -36.98
N ILE D 38 55.59 -31.02 -36.26
CA ILE D 38 55.14 -30.99 -34.87
C ILE D 38 53.96 -30.02 -34.78
N THR D 39 52.80 -30.54 -34.40
CA THR D 39 51.62 -29.71 -34.22
C THR D 39 51.09 -29.93 -32.81
N VAL D 40 50.82 -28.85 -32.09
CA VAL D 40 50.24 -28.92 -30.75
C VAL D 40 48.90 -28.22 -30.81
N ILE D 41 47.84 -28.95 -30.45
CA ILE D 41 46.48 -28.46 -30.50
C ILE D 41 45.89 -28.49 -29.10
N GLY D 42 45.24 -27.39 -28.72
CA GLY D 42 44.65 -27.28 -27.40
C GLY D 42 43.15 -27.18 -27.44
N VAL D 43 42.46 -28.05 -26.70
CA VAL D 43 41.01 -28.08 -26.65
C VAL D 43 40.58 -27.82 -25.21
N GLY D 44 39.68 -26.85 -25.04
CA GLY D 44 39.22 -26.43 -23.74
C GLY D 44 39.94 -25.18 -23.25
N GLY D 45 39.42 -24.62 -22.17
CA GLY D 45 40.05 -23.44 -21.59
C GLY D 45 41.47 -23.69 -21.13
N ALA D 46 41.70 -24.82 -20.48
CA ALA D 46 43.06 -25.19 -20.08
C ALA D 46 43.95 -25.39 -21.30
N GLY D 47 43.42 -26.02 -22.35
CA GLY D 47 44.17 -26.16 -23.58
C GLY D 47 44.54 -24.82 -24.20
N ASN D 48 43.60 -23.88 -24.19
CA ASN D 48 43.88 -22.54 -24.73
C ASN D 48 44.94 -21.84 -23.89
N ASN D 49 44.86 -21.96 -22.57
CA ASN D 49 45.87 -21.36 -21.70
C ASN D 49 47.25 -21.96 -21.96
N THR D 50 47.33 -23.27 -22.10
CA THR D 50 48.62 -23.92 -22.36
C THR D 50 49.16 -23.51 -23.73
N ILE D 51 48.29 -23.40 -24.74
CA ILE D 51 48.71 -22.95 -26.06
C ILE D 51 49.24 -21.53 -25.99
N THR D 52 48.54 -20.65 -25.27
CA THR D 52 49.00 -19.28 -25.12
C THR D 52 50.36 -19.22 -24.42
N ARG D 53 50.54 -20.02 -23.36
CA ARG D 53 51.80 -20.05 -22.64
C ARG D 53 52.94 -20.52 -23.56
N LEU D 54 52.69 -21.59 -24.31
CA LEU D 54 53.72 -22.12 -25.20
C LEU D 54 54.07 -21.14 -26.31
N LYS D 55 53.05 -20.46 -26.87
CA LYS D 55 53.30 -19.49 -27.91
C LYS D 55 54.08 -18.29 -27.37
N MET D 56 53.73 -17.82 -26.18
CA MET D 56 54.46 -16.71 -25.57
C MET D 56 55.91 -17.08 -25.30
N GLU D 57 56.14 -18.29 -24.78
CA GLU D 57 57.51 -18.73 -24.54
C GLU D 57 58.29 -18.88 -25.85
N GLY D 58 57.66 -19.47 -26.87
CA GLY D 58 58.30 -19.64 -28.16
C GLY D 58 58.97 -20.99 -28.34
N VAL D 59 58.47 -21.80 -29.25
CA VAL D 59 59.03 -23.10 -29.57
C VAL D 59 59.26 -23.18 -31.08
N GLU D 60 60.46 -23.61 -31.47
CA GLU D 60 60.81 -23.73 -32.87
C GLU D 60 60.41 -25.09 -33.41
N GLY D 61 59.89 -25.12 -34.63
CA GLY D 61 59.51 -26.36 -35.27
C GLY D 61 58.15 -26.89 -34.90
N ALA D 62 57.35 -26.13 -34.16
CA ALA D 62 56.03 -26.56 -33.74
C ALA D 62 54.99 -25.52 -34.15
N THR D 63 53.79 -25.99 -34.47
CA THR D 63 52.69 -25.12 -34.88
C THR D 63 51.57 -25.23 -33.86
N THR D 64 51.06 -24.09 -33.42
CA THR D 64 50.04 -24.03 -32.37
C THR D 64 48.66 -23.87 -32.99
N VAL D 65 47.72 -24.72 -32.56
CA VAL D 65 46.33 -24.67 -33.00
C VAL D 65 45.45 -24.73 -31.76
N ALA D 66 44.43 -23.88 -31.72
CA ALA D 66 43.50 -23.85 -30.60
C ALA D 66 42.08 -24.10 -31.11
N VAL D 67 41.39 -25.05 -30.48
CA VAL D 67 40.02 -25.39 -30.82
C VAL D 67 39.18 -25.28 -29.55
N ASN D 68 38.19 -24.39 -29.57
CA ASN D 68 37.31 -24.19 -28.42
C ASN D 68 35.95 -23.72 -28.91
N THR D 69 34.88 -24.22 -28.27
CA THR D 69 33.54 -23.85 -28.68
C THR D 69 33.28 -22.36 -28.46
N ASP D 70 33.71 -21.83 -27.32
CA ASP D 70 33.45 -20.43 -26.99
C ASP D 70 34.43 -19.53 -27.74
N ALA D 71 33.90 -18.56 -28.48
CA ALA D 71 34.76 -17.62 -29.20
C ALA D 71 35.39 -16.58 -28.30
N GLN D 72 34.81 -16.35 -27.11
CA GLN D 72 35.37 -15.36 -26.20
C GLN D 72 36.79 -15.73 -25.77
N GLY D 73 37.01 -17.01 -25.46
CA GLY D 73 38.36 -17.45 -25.14
C GLY D 73 39.30 -17.38 -26.33
N LEU D 74 38.81 -17.74 -27.51
CA LEU D 74 39.65 -17.72 -28.70
C LEU D 74 40.06 -16.30 -29.08
N LEU D 75 39.22 -15.31 -28.77
CA LEU D 75 39.55 -13.93 -29.10
C LEU D 75 40.78 -13.42 -28.35
N HIS D 76 41.15 -14.06 -27.24
CA HIS D 76 42.28 -13.62 -26.44
C HIS D 76 43.44 -14.61 -26.45
N THR D 77 43.23 -15.84 -26.89
CA THR D 77 44.31 -16.81 -26.97
C THR D 77 45.26 -16.46 -28.09
N ILE D 78 46.56 -16.41 -27.79
CA ILE D 78 47.58 -16.08 -28.77
C ILE D 78 47.99 -17.38 -29.46
N SER D 79 47.50 -17.57 -30.69
CA SER D 79 47.82 -18.77 -31.46
C SER D 79 47.67 -18.43 -32.94
N ASP D 80 48.24 -19.30 -33.78
CA ASP D 80 48.21 -19.08 -35.22
C ASP D 80 46.87 -19.52 -35.83
N GLN D 81 46.55 -20.80 -35.69
CA GLN D 81 45.34 -21.38 -36.28
C GLN D 81 44.28 -21.53 -35.20
N LYS D 82 43.28 -20.66 -35.24
CA LYS D 82 42.16 -20.69 -34.29
C LYS D 82 40.94 -21.24 -35.03
N ILE D 83 40.69 -22.54 -34.87
CA ILE D 83 39.59 -23.22 -35.54
C ILE D 83 38.45 -23.33 -34.53
N LEU D 84 37.35 -22.64 -34.83
CA LEU D 84 36.17 -22.68 -33.96
C LEU D 84 35.50 -24.04 -34.04
N LEU D 85 34.90 -24.45 -32.92
CA LEU D 85 34.17 -25.71 -32.84
C LEU D 85 32.78 -25.54 -33.43
N GLY D 86 31.87 -26.47 -33.12
CA GLY D 86 30.58 -26.58 -33.78
C GLY D 86 29.58 -25.50 -33.42
N LYS D 87 29.78 -24.31 -33.98
CA LYS D 87 28.90 -23.17 -33.74
C LYS D 87 27.44 -23.51 -34.03
N GLN D 88 27.18 -24.39 -34.99
CA GLN D 88 25.80 -24.70 -35.36
C GLN D 88 25.02 -25.29 -34.19
N LEU D 89 25.63 -26.20 -33.44
CA LEU D 89 24.96 -26.75 -32.27
C LEU D 89 24.86 -25.72 -31.16
N THR D 90 25.97 -25.03 -30.86
CA THR D 90 26.00 -24.03 -29.81
C THR D 90 26.85 -22.85 -30.28
N LYS D 91 26.33 -21.64 -30.09
CA LYS D 91 27.05 -20.44 -30.45
C LYS D 91 28.34 -20.33 -29.62
N GLY D 92 29.18 -19.36 -29.98
CA GLY D 92 30.44 -19.14 -29.29
C GLY D 92 30.30 -18.53 -27.91
N LEU D 93 29.56 -19.20 -27.04
CA LEU D 93 29.39 -18.81 -25.65
C LEU D 93 30.09 -19.76 -24.69
N GLY D 94 29.86 -21.06 -24.82
CA GLY D 94 30.51 -22.02 -23.96
C GLY D 94 29.88 -23.39 -24.09
N ALA D 95 30.52 -24.35 -23.45
CA ALA D 95 30.03 -25.73 -23.45
C ALA D 95 28.93 -25.92 -22.41
N GLY D 96 29.25 -25.67 -21.15
CA GLY D 96 28.26 -25.77 -20.09
C GLY D 96 28.39 -27.01 -19.22
N ASN D 97 29.63 -27.42 -18.93
CA ASN D 97 29.91 -28.54 -18.04
C ASN D 97 29.19 -29.81 -18.48
N ASP D 98 29.20 -30.07 -19.79
CA ASP D 98 28.55 -31.25 -20.33
C ASP D 98 29.39 -31.84 -21.47
N PRO D 99 30.03 -32.99 -21.26
CA PRO D 99 30.86 -33.58 -22.33
C PRO D 99 30.06 -33.94 -23.58
N LYS D 100 28.78 -34.29 -23.44
CA LYS D 100 27.99 -34.68 -24.61
C LYS D 100 27.83 -33.53 -25.59
N ILE D 101 27.56 -32.33 -25.08
CA ILE D 101 27.39 -31.16 -25.94
C ILE D 101 28.69 -30.86 -26.68
N GLY D 102 29.82 -30.88 -25.97
CA GLY D 102 31.09 -30.64 -26.62
C GLY D 102 31.43 -31.68 -27.67
N GLU D 103 31.16 -32.96 -27.37
CA GLU D 103 31.43 -34.02 -28.34
C GLU D 103 30.55 -33.87 -29.57
N ALA D 104 29.26 -33.56 -29.39
CA ALA D 104 28.38 -33.38 -30.54
C ALA D 104 28.79 -32.16 -31.36
N ALA D 105 29.21 -31.08 -30.70
CA ALA D 105 29.67 -29.91 -31.43
C ALA D 105 30.90 -30.20 -32.26
N ALA D 106 31.83 -31.01 -31.71
CA ALA D 106 33.03 -31.35 -32.45
C ALA D 106 32.71 -32.15 -33.71
N LYS D 107 31.76 -33.08 -33.61
CA LYS D 107 31.38 -33.87 -34.78
C LYS D 107 30.73 -33.01 -35.86
N GLU D 108 30.20 -31.85 -35.50
CA GLU D 108 29.62 -30.96 -36.52
C GLU D 108 30.68 -30.45 -37.48
N ALA D 109 31.86 -30.10 -36.96
CA ALA D 109 32.93 -29.50 -37.74
C ALA D 109 34.11 -30.46 -37.93
N ILE D 110 33.81 -31.74 -38.15
CA ILE D 110 34.86 -32.73 -38.37
C ILE D 110 35.61 -32.46 -39.67
N GLU D 111 34.89 -31.98 -40.70
CA GLU D 111 35.51 -31.75 -41.99
C GLU D 111 36.63 -30.72 -41.90
N GLU D 112 36.38 -29.60 -41.24
CA GLU D 112 37.43 -28.60 -41.04
C GLU D 112 38.46 -29.09 -40.02
N LEU D 113 38.03 -29.86 -39.03
CA LEU D 113 38.93 -30.33 -37.98
C LEU D 113 40.01 -31.24 -38.55
N ARG D 114 39.64 -32.11 -39.50
CA ARG D 114 40.57 -33.08 -40.05
C ARG D 114 41.71 -32.41 -40.82
N GLU D 115 41.52 -31.18 -41.29
CA GLU D 115 42.52 -30.51 -42.11
C GLU D 115 43.82 -30.26 -41.37
N VAL D 116 43.80 -30.24 -40.04
CA VAL D 116 44.98 -29.87 -39.27
C VAL D 116 45.70 -31.07 -38.66
N VAL D 117 45.03 -32.22 -38.52
CA VAL D 117 45.63 -33.36 -37.84
C VAL D 117 46.43 -34.21 -38.81
N LYS D 118 46.61 -33.74 -40.04
CA LYS D 118 47.39 -34.45 -41.05
C LYS D 118 48.85 -34.02 -40.94
N SER D 119 49.51 -34.53 -39.90
CA SER D 119 50.92 -34.23 -39.65
C SER D 119 51.59 -35.48 -39.10
N ASP D 120 52.80 -35.32 -38.58
CA ASP D 120 53.57 -36.45 -38.06
C ASP D 120 53.35 -36.63 -36.55
N MET D 121 53.66 -35.60 -35.77
CA MET D 121 53.58 -35.65 -34.32
C MET D 121 52.56 -34.63 -33.85
N ILE D 122 51.62 -35.07 -33.01
CA ILE D 122 50.55 -34.19 -32.51
C ILE D 122 50.52 -34.24 -30.99
N PHE D 123 50.36 -33.08 -30.38
CA PHE D 123 50.30 -32.89 -28.93
C PHE D 123 48.92 -32.33 -28.59
N ILE D 124 48.04 -33.18 -28.07
CA ILE D 124 46.67 -32.77 -27.73
C ILE D 124 46.65 -32.37 -26.25
N THR D 125 46.47 -31.08 -25.99
CA THR D 125 46.43 -30.56 -24.62
C THR D 125 44.98 -30.24 -24.25
N CYS D 126 44.51 -30.86 -23.17
CA CYS D 126 43.12 -30.67 -22.77
C CYS D 126 42.99 -30.79 -21.26
N GLY D 127 42.27 -29.85 -20.65
CA GLY D 127 41.91 -29.95 -19.24
C GLY D 127 40.66 -30.77 -19.04
N LEU D 128 40.80 -31.98 -18.51
CA LEU D 128 39.67 -32.89 -18.39
C LEU D 128 38.69 -32.40 -17.32
N GLY D 129 37.52 -33.05 -17.29
CA GLY D 129 36.50 -32.76 -16.32
C GLY D 129 35.62 -31.57 -16.63
N GLY D 130 35.91 -30.83 -17.70
CA GLY D 130 35.13 -29.65 -18.02
C GLY D 130 34.12 -29.86 -19.12
N GLY D 131 34.17 -28.99 -20.12
CA GLY D 131 33.25 -29.05 -21.26
C GLY D 131 33.90 -29.67 -22.48
N THR D 132 34.34 -28.82 -23.41
CA THR D 132 34.95 -29.31 -24.65
C THR D 132 36.23 -30.10 -24.40
N GLY D 133 36.82 -29.98 -23.22
CA GLY D 133 38.01 -30.76 -22.91
C GLY D 133 37.73 -32.26 -22.90
N THR D 134 36.61 -32.66 -22.31
CA THR D 134 36.14 -34.03 -22.41
C THR D 134 35.34 -34.28 -23.69
N GLY D 135 35.26 -33.27 -24.56
CA GLY D 135 34.49 -33.27 -25.78
C GLY D 135 35.40 -33.51 -26.97
N ALA D 136 35.87 -32.44 -27.59
CA ALA D 136 36.62 -32.54 -28.84
C ALA D 136 37.92 -33.33 -28.70
N ALA D 137 38.44 -33.52 -27.49
CA ALA D 137 39.73 -34.19 -27.36
C ALA D 137 39.70 -35.64 -27.85
N PRO D 138 38.75 -36.49 -27.44
CA PRO D 138 38.70 -37.84 -28.04
C PRO D 138 38.55 -37.85 -29.55
N VAL D 139 37.75 -36.95 -30.12
CA VAL D 139 37.53 -37.00 -31.56
C VAL D 139 38.76 -36.54 -32.32
N ILE D 140 39.46 -35.52 -31.82
CA ILE D 140 40.71 -35.13 -32.48
C ILE D 140 41.76 -36.22 -32.31
N ALA D 141 41.75 -36.92 -31.17
CA ALA D 141 42.69 -38.02 -30.97
C ALA D 141 42.45 -39.13 -31.99
N GLU D 142 41.18 -39.53 -32.16
CA GLU D 142 40.89 -40.59 -33.13
C GLU D 142 41.12 -40.13 -34.56
N LEU D 143 40.88 -38.84 -34.86
CA LEU D 143 41.20 -38.33 -36.18
C LEU D 143 42.70 -38.41 -36.46
N ALA D 144 43.52 -38.00 -35.48
CA ALA D 144 44.96 -38.08 -35.65
C ALA D 144 45.41 -39.53 -35.79
N LYS D 145 44.80 -40.44 -35.03
CA LYS D 145 45.15 -41.86 -35.13
C LYS D 145 44.79 -42.41 -36.51
N GLU D 146 43.64 -42.03 -37.05
CA GLU D 146 43.26 -42.48 -38.39
C GLU D 146 44.16 -41.89 -39.45
N GLU D 147 44.62 -40.65 -39.26
CA GLU D 147 45.52 -40.01 -40.21
C GLU D 147 46.96 -40.55 -40.13
N LYS D 148 47.18 -41.64 -39.39
CA LYS D 148 48.49 -42.28 -39.28
C LYS D 148 49.55 -41.30 -38.77
N ALA D 149 49.31 -40.80 -37.56
CA ALA D 149 50.19 -39.83 -36.92
C ALA D 149 50.46 -40.25 -35.48
N LEU D 150 51.66 -39.93 -35.00
CA LEU D 150 52.02 -40.19 -33.62
C LEU D 150 51.31 -39.19 -32.72
N THR D 151 50.71 -39.69 -31.65
CA THR D 151 49.83 -38.91 -30.79
C THR D 151 50.36 -38.93 -29.36
N VAL D 152 50.43 -37.75 -28.75
CA VAL D 152 50.72 -37.62 -27.32
C VAL D 152 49.73 -36.62 -26.73
N SER D 153 49.11 -36.98 -25.62
CA SER D 153 48.07 -36.17 -25.01
C SER D 153 48.52 -35.73 -23.62
N ILE D 154 48.31 -34.46 -23.31
CA ILE D 154 48.59 -33.89 -22.00
C ILE D 154 47.26 -33.45 -21.40
N VAL D 155 46.92 -34.01 -20.24
CA VAL D 155 45.68 -33.71 -19.55
C VAL D 155 46.02 -33.21 -18.15
N THR D 156 45.05 -32.51 -17.55
CA THR D 156 45.21 -31.97 -16.21
C THR D 156 43.95 -32.29 -15.41
N LEU D 157 44.10 -33.12 -14.37
CA LEU D 157 42.96 -33.43 -13.52
C LEU D 157 42.54 -32.20 -12.72
N PRO D 158 41.25 -32.05 -12.45
CA PRO D 158 40.79 -30.90 -11.66
C PRO D 158 41.18 -31.05 -10.20
N PHE D 159 41.03 -29.95 -9.47
CA PHE D 159 41.32 -29.96 -8.04
C PHE D 159 40.40 -30.94 -7.34
N LYS D 160 40.95 -31.61 -6.31
CA LYS D 160 40.19 -32.63 -5.60
C LYS D 160 38.95 -32.04 -4.95
N ALA D 161 39.07 -30.85 -4.37
CA ALA D 161 37.93 -30.20 -3.70
C ALA D 161 37.12 -29.38 -4.71
N GLU D 162 36.56 -30.10 -5.69
CA GLU D 162 35.69 -29.49 -6.69
C GLU D 162 34.46 -30.34 -6.97
N GLY D 163 34.01 -31.11 -5.97
CA GLY D 163 32.82 -31.92 -6.13
C GLY D 163 33.08 -33.22 -6.83
N VAL D 164 32.07 -34.09 -6.83
CA VAL D 164 32.19 -35.39 -7.47
C VAL D 164 31.99 -35.32 -8.98
N LYS D 165 31.33 -34.27 -9.48
CA LYS D 165 31.10 -34.15 -10.91
C LYS D 165 32.41 -34.00 -11.68
N ARG D 166 33.28 -33.08 -11.23
CA ARG D 166 34.52 -32.83 -11.94
C ARG D 166 35.42 -34.05 -11.97
N GLU D 167 35.57 -34.73 -10.82
CA GLU D 167 36.47 -35.88 -10.77
C GLU D 167 35.94 -37.05 -11.59
N ALA D 168 34.63 -37.29 -11.54
CA ALA D 168 34.04 -38.36 -12.34
C ALA D 168 34.18 -38.06 -13.82
N ASN D 169 33.94 -36.82 -14.23
CA ASN D 169 34.09 -36.44 -15.63
C ASN D 169 35.54 -36.61 -16.07
N ALA D 170 36.50 -36.21 -15.22
CA ALA D 170 37.90 -36.37 -15.56
C ALA D 170 38.29 -37.84 -15.68
N ARG D 171 37.80 -38.69 -14.78
CA ARG D 171 38.08 -40.12 -14.86
C ARG D 171 37.53 -40.70 -16.16
N TRP D 172 36.28 -40.35 -16.50
CA TRP D 172 35.68 -40.85 -17.73
C TRP D 172 36.46 -40.37 -18.95
N GLY D 173 36.85 -39.10 -18.96
CA GLY D 173 37.60 -38.58 -20.09
C GLY D 173 38.95 -39.23 -20.25
N LEU D 174 39.67 -39.44 -19.14
CA LEU D 174 40.98 -40.08 -19.21
C LEU D 174 40.85 -41.53 -19.67
N GLU D 175 39.87 -42.26 -19.15
CA GLU D 175 39.69 -43.66 -19.55
C GLU D 175 39.31 -43.75 -21.02
N GLN D 176 38.48 -42.83 -21.50
CA GLN D 176 38.12 -42.83 -22.92
C GLN D 176 39.31 -42.44 -23.79
N LEU D 177 40.13 -41.49 -23.32
CA LEU D 177 41.23 -40.99 -24.15
C LEU D 177 42.36 -42.01 -24.25
N LEU D 178 42.68 -42.70 -23.17
CA LEU D 178 43.76 -43.67 -23.22
C LEU D 178 43.47 -44.80 -24.20
N LYS D 179 42.18 -45.06 -24.48
CA LYS D 179 41.82 -46.07 -25.46
C LYS D 179 42.25 -45.67 -26.87
N VAL D 180 42.01 -44.42 -27.26
CA VAL D 180 42.23 -43.97 -28.63
C VAL D 180 43.53 -43.22 -28.81
N CYS D 181 44.37 -43.15 -27.78
CA CYS D 181 45.65 -42.46 -27.87
C CYS D 181 46.75 -43.40 -27.40
N ASP D 182 47.92 -43.29 -28.05
CA ASP D 182 49.03 -44.19 -27.75
C ASP D 182 49.72 -43.86 -26.43
N SER D 183 49.62 -42.61 -25.96
CA SER D 183 50.30 -42.23 -24.73
C SER D 183 49.65 -40.98 -24.16
N VAL D 184 49.48 -40.97 -22.84
CA VAL D 184 48.88 -39.84 -22.13
C VAL D 184 49.82 -39.39 -21.02
N ILE D 185 49.67 -38.14 -20.61
CA ILE D 185 50.41 -37.57 -19.49
C ILE D 185 49.40 -36.92 -18.55
N VAL D 186 49.47 -37.29 -17.27
CA VAL D 186 48.53 -36.81 -16.28
C VAL D 186 49.29 -36.03 -15.22
N ILE D 187 48.92 -34.76 -15.04
CA ILE D 187 49.50 -33.91 -14.00
C ILE D 187 48.36 -33.29 -13.19
N PRO D 188 47.94 -33.92 -12.08
CA PRO D 188 46.82 -33.37 -11.30
C PRO D 188 47.13 -31.98 -10.78
N ASN D 189 46.10 -31.12 -10.78
CA ASN D 189 46.27 -29.76 -10.28
C ASN D 189 46.54 -29.74 -8.79
N ASP D 190 45.98 -30.68 -8.02
CA ASP D 190 46.25 -30.73 -6.60
C ASP D 190 47.71 -30.98 -6.29
N ARG D 191 48.46 -31.55 -7.23
CA ARG D 191 49.89 -31.75 -7.02
C ARG D 191 50.64 -30.43 -6.93
N ILE D 192 50.22 -29.43 -7.70
CA ILE D 192 50.89 -28.13 -7.66
C ILE D 192 50.76 -27.49 -6.29
N LEU D 193 49.71 -27.84 -5.55
CA LEU D 193 49.56 -27.32 -4.18
C LEU D 193 50.71 -27.77 -3.29
N GLU D 194 51.21 -28.98 -3.49
CA GLU D 194 52.27 -29.53 -2.67
C GLU D 194 53.66 -29.21 -3.20
N ILE D 195 53.77 -28.45 -4.28
CA ILE D 195 55.06 -28.12 -4.89
C ILE D 195 55.39 -26.64 -4.70
N ALA D 196 54.47 -25.74 -5.03
CA ALA D 196 54.70 -24.29 -4.94
C ALA D 196 53.39 -23.57 -4.63
N PRO D 197 52.90 -23.70 -3.39
CA PRO D 197 51.67 -22.98 -3.03
C PRO D 197 51.95 -21.56 -2.55
N GLU D 198 52.83 -20.84 -3.25
CA GLU D 198 53.17 -19.47 -2.86
C GLU D 198 53.31 -18.56 -4.08
N LEU D 199 52.67 -18.90 -5.19
CA LEU D 199 52.81 -18.17 -6.44
C LEU D 199 51.44 -17.83 -7.00
N SER D 200 51.42 -16.79 -7.84
CA SER D 200 50.18 -16.35 -8.47
C SER D 200 49.67 -17.43 -9.42
N LEU D 201 48.35 -17.41 -9.65
CA LEU D 201 47.74 -18.42 -10.51
C LEU D 201 48.29 -18.36 -11.93
N ASN D 202 48.45 -17.15 -12.48
CA ASN D 202 48.91 -17.00 -13.85
C ASN D 202 50.32 -17.53 -14.06
N GLU D 203 51.16 -17.52 -13.02
CA GLU D 203 52.54 -17.97 -13.14
C GLU D 203 52.77 -19.37 -12.61
N ALA D 204 51.98 -19.82 -11.63
CA ALA D 204 52.16 -21.16 -11.09
C ALA D 204 51.66 -22.23 -12.05
N PHE D 205 50.73 -21.88 -12.94
CA PHE D 205 50.31 -22.81 -13.98
C PHE D 205 51.43 -23.05 -15.00
N ARG D 206 52.36 -22.11 -15.12
CA ARG D 206 53.53 -22.33 -15.97
C ARG D 206 54.37 -23.49 -15.44
N LEU D 207 54.33 -23.73 -14.13
CA LEU D 207 55.04 -24.88 -13.57
C LEU D 207 54.51 -26.19 -14.15
N ALA D 208 53.19 -26.27 -14.37
CA ALA D 208 52.60 -27.42 -15.03
C ALA D 208 52.81 -27.41 -16.53
N ASP D 209 53.20 -26.27 -17.11
CA ASP D 209 53.48 -26.17 -18.53
C ASP D 209 54.88 -26.65 -18.88
N GLU D 210 55.76 -26.81 -17.88
CA GLU D 210 57.13 -27.22 -18.15
C GLU D 210 57.20 -28.62 -18.75
N ILE D 211 56.24 -29.48 -18.43
CA ILE D 211 56.24 -30.83 -18.99
C ILE D 211 56.06 -30.77 -20.50
N LEU D 212 55.10 -29.97 -20.97
CA LEU D 212 54.87 -29.85 -22.41
C LEU D 212 56.04 -29.16 -23.10
N ILE D 213 56.63 -28.17 -22.43
CA ILE D 213 57.80 -27.49 -23.01
C ILE D 213 58.95 -28.48 -23.18
N GLY D 214 59.22 -29.30 -22.16
CA GLY D 214 60.25 -30.31 -22.28
C GLY D 214 59.94 -31.33 -23.36
N GLY D 215 58.68 -31.75 -23.46
CA GLY D 215 58.30 -32.69 -24.50
C GLY D 215 58.48 -32.14 -25.89
N VAL D 216 58.08 -30.88 -26.11
CA VAL D 216 58.17 -30.29 -27.44
C VAL D 216 59.58 -29.81 -27.77
N LYS D 217 60.44 -29.65 -26.76
CA LYS D 217 61.82 -29.25 -27.03
C LYS D 217 62.73 -30.46 -27.23
N GLY D 218 62.54 -31.52 -26.44
CA GLY D 218 63.32 -32.72 -26.63
C GLY D 218 63.04 -33.40 -27.96
N ILE D 219 61.77 -33.43 -28.36
CA ILE D 219 61.41 -33.99 -29.66
C ILE D 219 62.04 -33.17 -30.80
N THR D 220 61.98 -31.84 -30.69
CA THR D 220 62.58 -30.99 -31.71
C THR D 220 64.09 -31.19 -31.79
N GLU D 221 64.75 -31.34 -30.65
CA GLU D 221 66.20 -31.53 -30.64
C GLU D 221 66.60 -32.89 -31.21
N LEU D 222 65.66 -33.84 -31.30
CA LEU D 222 65.97 -35.12 -31.93
C LEU D 222 65.92 -35.01 -33.45
N ILE D 223 64.78 -34.55 -33.98
CA ILE D 223 64.62 -34.44 -35.43
C ILE D 223 65.64 -33.46 -36.01
N PHE D 224 65.82 -32.31 -35.37
CA PHE D 224 66.79 -31.33 -35.80
C PHE D 224 68.16 -31.67 -35.23
N LYS D 225 69.22 -31.40 -36.02
CA LYS D 225 70.62 -31.59 -35.68
C LYS D 225 70.98 -33.06 -35.58
N PRO D 226 72.20 -33.45 -35.98
CA PRO D 226 72.59 -34.86 -35.89
C PRO D 226 73.24 -35.22 -34.56
N GLY D 227 73.62 -36.49 -34.41
CA GLY D 227 74.30 -36.95 -33.22
C GLY D 227 75.16 -38.15 -33.54
N LEU D 228 75.99 -38.54 -32.56
CA LEU D 228 76.85 -39.70 -32.76
C LEU D 228 76.03 -40.99 -32.86
N ILE D 229 74.94 -41.09 -32.10
CA ILE D 229 74.06 -42.26 -32.18
C ILE D 229 72.95 -41.93 -33.17
N ASN D 230 72.60 -40.65 -33.28
CA ASN D 230 71.74 -40.11 -34.33
C ASN D 230 70.37 -40.80 -34.34
N LEU D 231 69.65 -40.61 -33.24
CA LEU D 231 68.26 -41.03 -33.19
C LEU D 231 67.40 -40.16 -34.09
N ASP D 232 66.35 -40.75 -34.65
CA ASP D 232 65.44 -40.04 -35.54
C ASP D 232 64.01 -40.40 -35.16
N PHE D 233 63.06 -40.02 -36.02
CA PHE D 233 61.64 -40.19 -35.71
C PHE D 233 61.24 -41.65 -35.57
N ALA D 234 62.00 -42.58 -36.17
CA ALA D 234 61.65 -43.99 -36.06
C ALA D 234 61.71 -44.47 -34.61
N ASP D 235 62.76 -44.07 -33.89
CA ASP D 235 62.88 -44.46 -32.49
C ASP D 235 61.77 -43.83 -31.65
N VAL D 236 61.40 -42.58 -31.95
CA VAL D 236 60.32 -41.92 -31.24
C VAL D 236 59.01 -42.66 -31.45
N LYS D 237 58.74 -43.06 -32.70
CA LYS D 237 57.54 -43.86 -32.98
C LYS D 237 57.60 -45.21 -32.29
N LYS D 238 58.81 -45.77 -32.15
CA LYS D 238 58.96 -47.05 -31.45
C LYS D 238 58.63 -46.93 -29.98
N VAL D 239 59.07 -45.84 -29.32
CA VAL D 239 58.92 -45.73 -27.88
C VAL D 239 57.58 -45.17 -27.43
N MET D 240 56.77 -44.64 -28.35
CA MET D 240 55.50 -44.02 -28.00
C MET D 240 54.35 -44.64 -28.79
N ASN D 241 54.34 -45.97 -28.90
CA ASN D 241 53.34 -46.67 -29.71
C ASN D 241 52.56 -47.63 -28.82
N ASN D 242 51.34 -47.25 -28.46
CA ASN D 242 50.40 -48.09 -27.73
C ASN D 242 51.01 -48.59 -26.41
N LYS D 243 51.34 -47.64 -25.54
CA LYS D 243 51.91 -47.94 -24.23
C LYS D 243 51.05 -47.46 -23.08
N GLY D 244 50.62 -46.20 -23.10
CA GLY D 244 49.82 -45.63 -22.03
C GLY D 244 50.53 -44.46 -21.37
N THR D 245 50.43 -44.39 -20.05
CA THR D 245 51.04 -43.30 -19.31
C THR D 245 52.56 -43.33 -19.47
N ALA D 246 53.16 -42.13 -19.52
CA ALA D 246 54.58 -42.00 -19.75
C ALA D 246 55.10 -40.75 -19.06
N ILE D 247 56.42 -40.73 -18.83
CA ILE D 247 57.10 -39.60 -18.20
C ILE D 247 58.05 -38.99 -19.20
N ILE D 248 57.84 -37.73 -19.53
CA ILE D 248 58.63 -37.01 -20.53
C ILE D 248 59.12 -35.71 -19.91
N GLY D 249 60.42 -35.43 -20.06
CA GLY D 249 60.96 -34.19 -19.54
C GLY D 249 62.46 -34.12 -19.77
N MET D 250 62.98 -32.91 -19.65
CA MET D 250 64.40 -32.65 -19.79
C MET D 250 64.93 -31.92 -18.57
N ALA D 251 66.25 -31.92 -18.42
CA ALA D 251 66.90 -31.26 -17.30
C ALA D 251 68.34 -30.94 -17.69
N GLU D 252 68.97 -30.09 -16.88
CA GLU D 252 70.35 -29.66 -17.09
C GLU D 252 71.12 -29.77 -15.79
N SER D 253 72.44 -29.96 -15.92
CA SER D 253 73.33 -30.03 -14.77
C SER D 253 74.73 -29.61 -15.19
N ALA D 254 75.49 -29.08 -14.22
CA ALA D 254 76.83 -28.60 -14.50
C ALA D 254 77.84 -28.99 -13.43
N SER D 255 77.54 -30.02 -12.63
CA SER D 255 78.45 -30.49 -11.59
C SER D 255 79.51 -31.38 -12.20
N ASN D 256 80.28 -32.06 -11.35
CA ASN D 256 81.29 -32.99 -11.86
C ASN D 256 80.65 -34.14 -12.63
N ASN D 257 79.56 -34.70 -12.10
CA ASN D 257 78.79 -35.72 -12.81
C ASN D 257 77.61 -35.02 -13.48
N SER D 258 77.91 -34.32 -14.58
CA SER D 258 76.90 -33.55 -15.28
C SER D 258 75.81 -34.45 -15.85
N ALA D 259 76.21 -35.47 -16.62
CA ALA D 259 75.23 -36.33 -17.28
C ALA D 259 74.40 -37.11 -16.27
N VAL D 260 75.03 -37.63 -15.22
CA VAL D 260 74.30 -38.43 -14.24
C VAL D 260 73.27 -37.58 -13.50
N GLU D 261 73.67 -36.38 -13.06
CA GLU D 261 72.76 -35.53 -12.30
C GLU D 261 71.65 -34.96 -13.19
N ALA D 262 71.99 -34.60 -14.44
CA ALA D 262 70.98 -34.05 -15.33
C ALA D 262 69.88 -35.07 -15.62
N VAL D 263 70.24 -36.33 -15.81
CA VAL D 263 69.25 -37.36 -16.08
C VAL D 263 68.33 -37.56 -14.87
N GLU D 264 68.91 -37.61 -13.67
CA GLU D 264 68.12 -37.90 -12.48
C GLU D 264 67.08 -36.83 -12.21
N LEU D 265 67.34 -35.58 -12.62
CA LEU D 265 66.36 -34.53 -12.41
C LEU D 265 65.16 -34.69 -13.35
N ALA D 266 65.42 -35.02 -14.62
CA ALA D 266 64.33 -35.16 -15.59
C ALA D 266 63.52 -36.43 -15.37
N ILE D 267 64.09 -37.45 -14.73
CA ILE D 267 63.37 -38.70 -14.50
C ILE D 267 62.45 -38.63 -13.29
N SER D 268 62.61 -37.62 -12.44
CA SER D 268 61.86 -37.50 -11.19
C SER D 268 61.30 -36.10 -11.02
N ASN D 269 60.65 -35.59 -12.06
CA ASN D 269 60.04 -34.27 -11.99
C ASN D 269 58.99 -34.25 -10.87
N PRO D 270 58.93 -33.17 -10.09
CA PRO D 270 58.06 -33.18 -8.90
C PRO D 270 56.58 -33.32 -9.21
N LEU D 271 56.14 -32.93 -10.40
CA LEU D 271 54.71 -32.97 -10.72
C LEU D 271 54.22 -34.40 -10.89
N LEU D 272 54.74 -35.12 -11.87
CA LEU D 272 54.29 -36.46 -12.20
C LEU D 272 55.12 -37.48 -11.43
N ASP D 273 54.47 -38.20 -10.52
CA ASP D 273 55.10 -39.24 -9.73
C ASP D 273 54.35 -40.55 -9.94
N VAL D 274 54.92 -41.43 -10.76
CA VAL D 274 54.39 -42.75 -11.01
C VAL D 274 55.51 -43.76 -10.83
N ASP D 275 55.14 -44.99 -10.47
CA ASP D 275 56.12 -46.05 -10.25
C ASP D 275 56.79 -46.39 -11.58
N VAL D 276 58.05 -45.96 -11.74
CA VAL D 276 58.78 -46.16 -12.98
C VAL D 276 59.33 -47.57 -13.12
N SER D 277 59.19 -48.42 -12.10
CA SER D 277 59.70 -49.78 -12.17
C SER D 277 58.97 -50.62 -13.21
N LYS D 278 57.82 -50.17 -13.70
CA LYS D 278 57.06 -50.91 -14.70
C LYS D 278 57.13 -50.25 -16.08
N ALA D 279 58.05 -49.32 -16.28
CA ALA D 279 58.18 -48.67 -17.58
C ALA D 279 58.74 -49.63 -18.62
N SER D 280 58.48 -49.32 -19.89
CA SER D 280 58.88 -50.22 -20.96
C SER D 280 59.47 -49.47 -22.16
N ALA D 281 60.13 -48.34 -21.92
CA ALA D 281 60.78 -47.59 -22.99
C ALA D 281 61.78 -46.63 -22.38
N ALA D 282 62.58 -46.01 -23.25
CA ALA D 282 63.58 -45.03 -22.83
C ALA D 282 64.11 -44.29 -24.06
N LEU D 283 64.31 -42.99 -23.91
CA LEU D 283 64.89 -42.13 -24.94
C LEU D 283 65.92 -41.19 -24.30
N ILE D 284 66.84 -41.77 -23.54
CA ILE D 284 67.69 -41.06 -22.58
C ILE D 284 68.75 -40.20 -23.26
N ASN D 285 68.70 -40.10 -24.58
CA ASN D 285 69.70 -39.38 -25.37
C ASN D 285 70.14 -38.08 -24.71
N LEU D 286 71.42 -37.79 -24.81
CA LEU D 286 72.05 -36.66 -24.14
C LEU D 286 72.51 -35.62 -25.16
N CYS D 287 72.94 -34.47 -24.65
CA CYS D 287 73.48 -33.39 -25.47
C CYS D 287 74.73 -32.81 -24.81
N GLY D 288 75.60 -33.69 -24.31
CA GLY D 288 76.75 -33.24 -23.55
C GLY D 288 77.83 -32.60 -24.40
N GLY D 289 78.80 -32.01 -23.71
CA GLY D 289 79.89 -31.32 -24.35
C GLY D 289 81.10 -32.22 -24.56
N PRO D 290 82.21 -31.63 -25.05
CA PRO D 290 83.41 -32.44 -25.27
C PRO D 290 83.98 -33.04 -24.00
N ASN D 291 83.75 -32.41 -22.85
CA ASN D 291 84.28 -32.90 -21.58
C ASN D 291 83.65 -34.21 -21.14
N LEU D 292 82.54 -34.62 -21.77
CA LEU D 292 81.87 -35.85 -21.37
C LEU D 292 82.76 -37.06 -21.57
N THR D 293 82.76 -37.95 -20.59
CA THR D 293 83.57 -39.16 -20.61
C THR D 293 82.70 -40.38 -20.86
N ILE D 294 83.33 -41.45 -21.33
CA ILE D 294 82.60 -42.69 -21.60
C ILE D 294 82.00 -43.25 -20.32
N LYS D 295 82.73 -43.13 -19.21
CA LYS D 295 82.22 -43.60 -17.92
C LYS D 295 80.96 -42.84 -17.52
N HIS D 296 80.96 -41.53 -17.71
CA HIS D 296 79.78 -40.74 -17.35
C HIS D 296 78.58 -41.10 -18.21
N ALA D 297 78.79 -41.31 -19.51
CA ALA D 297 77.70 -41.73 -20.38
C ALA D 297 77.18 -43.11 -19.99
N GLU D 298 78.08 -44.03 -19.65
CA GLU D 298 77.66 -45.35 -19.22
C GLU D 298 76.86 -45.27 -17.92
N GLU D 299 77.29 -44.42 -16.99
CA GLU D 299 76.55 -44.24 -15.74
C GLU D 299 75.17 -43.63 -16.01
N ALA D 300 75.09 -42.67 -16.92
CA ALA D 300 73.81 -42.07 -17.26
C ALA D 300 72.87 -43.11 -17.88
N ILE D 301 73.40 -44.00 -18.71
CA ILE D 301 72.58 -45.07 -19.25
C ILE D 301 72.14 -46.03 -18.14
N ARG D 302 73.07 -46.38 -17.24
CA ARG D 302 72.80 -47.42 -16.25
C ARG D 302 71.82 -46.95 -15.19
N CYS D 303 71.86 -45.67 -14.83
CA CYS D 303 71.01 -45.18 -13.74
C CYS D 303 69.53 -45.33 -14.07
N VAL D 304 69.15 -45.06 -15.32
CA VAL D 304 67.74 -45.21 -15.72
C VAL D 304 67.33 -46.67 -15.71
N ALA D 305 68.16 -47.54 -16.31
CA ALA D 305 67.85 -48.97 -16.35
C ALA D 305 67.91 -49.61 -14.97
N LYS D 306 68.51 -48.94 -13.98
CA LYS D 306 68.56 -49.49 -12.62
C LYS D 306 67.23 -49.34 -11.91
N LYS D 307 66.51 -48.25 -12.17
CA LYS D 307 65.30 -47.91 -11.44
C LYS D 307 64.02 -48.23 -12.21
N ILE D 308 64.13 -48.89 -13.36
CA ILE D 308 62.96 -49.27 -14.14
C ILE D 308 62.97 -50.79 -14.36
N ARG D 309 62.01 -51.28 -15.13
CA ARG D 309 61.97 -52.70 -15.48
C ARG D 309 63.27 -53.11 -16.17
N GLU D 310 63.85 -54.22 -15.73
CA GLU D 310 65.10 -54.70 -16.29
C GLU D 310 64.95 -55.08 -17.77
N ASP D 311 63.75 -55.42 -18.20
CA ASP D 311 63.49 -55.74 -19.60
C ASP D 311 63.30 -54.46 -20.39
N ALA D 312 62.80 -54.58 -21.62
CA ALA D 312 62.45 -53.48 -22.52
C ALA D 312 63.69 -52.79 -23.08
N GLU D 313 63.57 -52.27 -24.30
CA GLU D 313 64.70 -51.69 -25.00
C GLU D 313 65.01 -50.28 -24.49
N ILE D 314 66.29 -49.99 -24.36
CA ILE D 314 66.77 -48.66 -23.99
C ILE D 314 67.39 -48.05 -25.24
N ILE D 315 66.63 -47.19 -25.91
CA ILE D 315 67.11 -46.53 -27.14
C ILE D 315 67.79 -45.24 -26.72
N TRP D 316 69.07 -45.36 -26.35
CA TRP D 316 69.83 -44.22 -25.83
C TRP D 316 70.40 -43.41 -27.00
N GLY D 317 71.28 -42.47 -26.68
CA GLY D 317 71.92 -41.67 -27.70
C GLY D 317 72.77 -40.59 -27.06
N VAL D 318 73.60 -39.97 -27.91
CA VAL D 318 74.52 -38.92 -27.46
C VAL D 318 74.67 -37.92 -28.60
N ILE D 319 74.62 -36.63 -28.25
CA ILE D 319 74.92 -35.54 -29.17
C ILE D 319 76.08 -34.74 -28.60
N ILE D 320 77.10 -34.51 -29.41
CA ILE D 320 78.34 -33.87 -28.97
C ILE D 320 78.52 -32.57 -29.75
N ASP D 321 78.71 -31.47 -29.02
CA ASP D 321 78.97 -30.17 -29.62
C ASP D 321 80.03 -29.45 -28.77
N GLN D 322 80.88 -28.68 -29.44
CA GLN D 322 81.97 -27.99 -28.76
C GLN D 322 81.57 -26.58 -28.32
N ASP D 323 80.42 -26.46 -27.68
CA ASP D 323 79.99 -25.19 -27.10
C ASP D 323 79.49 -25.31 -25.67
N MET D 324 78.85 -26.43 -25.32
CA MET D 324 78.19 -26.56 -24.02
C MET D 324 79.19 -26.58 -22.88
N GLY D 325 80.36 -27.17 -23.10
CA GLY D 325 81.31 -27.33 -22.02
C GLY D 325 80.90 -28.41 -21.03
N LYS D 326 81.08 -28.15 -19.74
CA LYS D 326 80.68 -29.13 -18.72
C LYS D 326 79.16 -29.27 -18.65
N LEU D 327 78.42 -28.24 -19.05
CA LEU D 327 76.96 -28.29 -18.99
C LEU D 327 76.44 -29.33 -19.98
N THR D 328 75.66 -30.29 -19.48
CA THR D 328 75.09 -31.36 -20.29
C THR D 328 73.58 -31.42 -20.06
N ARG D 329 72.82 -31.35 -21.14
CA ARG D 329 71.37 -31.53 -21.04
C ARG D 329 71.03 -33.00 -21.01
N ALA D 330 69.75 -33.29 -20.74
CA ALA D 330 69.29 -34.67 -20.66
C ALA D 330 67.80 -34.70 -20.94
N THR D 331 67.40 -35.43 -21.97
CA THR D 331 65.99 -35.57 -22.36
C THR D 331 65.57 -37.02 -22.16
N VAL D 332 64.41 -37.22 -21.53
CA VAL D 332 63.88 -38.55 -21.29
C VAL D 332 62.43 -38.59 -21.75
N ILE D 333 62.08 -39.63 -22.50
CA ILE D 333 60.74 -39.83 -23.03
C ILE D 333 60.23 -41.18 -22.53
N LEU D 334 60.58 -41.50 -21.28
CA LEU D 334 60.35 -42.85 -20.75
C LEU D 334 58.88 -43.22 -20.81
N SER D 335 58.61 -44.47 -21.13
CA SER D 335 57.25 -44.99 -21.22
C SER D 335 57.18 -46.44 -20.77
#